data_4RYZ
#
_entry.id   4RYZ
#
_cell.length_a   175.603
_cell.length_b   175.603
_cell.length_c   86.323
_cell.angle_alpha   90.00
_cell.angle_beta   90.00
_cell.angle_gamma   120.00
#
_symmetry.space_group_name_H-M   'P 65'
#
loop_
_entity.id
_entity.type
_entity.pdbx_description
1 polymer 'Retinoid isomerohydrolase'
2 non-polymer 'FE (II) ION'
3 non-polymer 'PALMITIC ACID'
4 non-polymer (1S)-3-amino-1-[3-(cyclohexylmethoxy)phenyl]propan-1-ol
5 water water
#
_entity_poly.entity_id   1
_entity_poly.type   'polypeptide(L)'
_entity_poly.pdbx_seq_one_letter_code
;(ACE)SSQVEHPAGGYKKLFETVEELSSPLTAHVTGRIPLWLTGSLLRCGPGLFEVGSEPFYHLFDGQALLHKFDFKEGH
VTYHRRFIRTDAYVRAMTEKRIVITEFGTCAFPDPCKNIFSRFFSYFRGVEVTDNALVNIYPVGEDYYACTETNFITKVN
PETLETIKQVDLCNYVSVNGATAHPHIENDGTVYNIGNCFGKNFSIAYNIVKIPPLQADKEDPISKSEIVVQFPCSDRFK
PSYVHSFGLTPNYIVFVETPVKINLFKFLSSWSLWGANYMDCFESNETMGVWLHIADKKRKKYINNKYRTSPFNLFHHIN
TYEDHEFLIVDLCCWKGFEFVYNYLYLANLRENWEEVKKNARKAPQPEVRRYVLPLNIDKADTGKNLVTLPNTTATAILC
SDETIWLEPEVLFSGPRQAFEFPQINYQKYGGKPYTYAYGLGLNHFVPDRLCKLNVKTKETWVWQEPDSYPSEPIFVSHP
DALEEDDGVVLSVVVSPGAGQKPAYLLILNAKDLSEVARAEVEINIPVTFHGLFKKS
;
_entity_poly.pdbx_strand_id   A,B
#
loop_
_chem_comp.id
_chem_comp.type
_chem_comp.name
_chem_comp.formula
A5V non-polymer (1S)-3-amino-1-[3-(cyclohexylmethoxy)phenyl]propan-1-ol 'C16 H25 N O2'
ACE non-polymer 'ACETYL GROUP' 'C2 H4 O'
FE2 non-polymer 'FE (II) ION' 'Fe 2'
PLM non-polymer 'PALMITIC ACID' 'C16 H32 O2'
#
# COMPACT_ATOMS: atom_id res chain seq x y z
C ACE A 1 10.04 12.66 -1.44
O ACE A 1 10.64 12.53 -0.40
CH3 ACE A 1 8.74 13.43 -1.48
N SER A 2 10.44 12.15 -2.60
CA SER A 2 11.75 11.48 -2.79
C SER A 2 12.89 12.49 -2.96
N SER A 3 14.12 12.00 -2.80
CA SER A 3 15.32 12.75 -3.11
C SER A 3 15.53 12.79 -4.64
N GLN A 4 16.17 13.85 -5.11
CA GLN A 4 16.57 14.01 -6.51
C GLN A 4 18.08 14.24 -6.63
N VAL A 5 18.81 13.69 -5.67
CA VAL A 5 20.21 14.03 -5.50
C VAL A 5 20.99 12.77 -5.12
N GLU A 6 22.18 12.61 -5.70
CA GLU A 6 23.16 11.61 -5.30
C GLU A 6 24.21 12.29 -4.42
N HIS A 7 25.06 11.50 -3.78
CA HIS A 7 26.05 12.01 -2.82
C HIS A 7 27.43 11.38 -3.02
N PRO A 8 27.96 11.41 -4.26
CA PRO A 8 29.29 10.82 -4.51
C PRO A 8 30.40 11.45 -3.70
N ALA A 9 30.30 12.76 -3.40
CA ALA A 9 31.30 13.45 -2.59
C ALA A 9 31.45 12.98 -1.14
N GLY A 10 30.46 12.25 -0.61
CA GLY A 10 30.57 11.63 0.73
C GLY A 10 30.49 12.57 1.92
N GLY A 11 29.89 13.77 1.74
CA GLY A 11 29.77 14.80 2.77
C GLY A 11 29.03 14.38 4.01
N TYR A 12 28.06 13.47 3.85
CA TYR A 12 27.33 12.85 4.95
C TYR A 12 28.22 12.19 6.04
N LYS A 13 29.51 11.98 5.75
CA LYS A 13 30.44 11.43 6.75
C LYS A 13 30.70 12.44 7.88
N LYS A 14 30.49 13.73 7.60
CA LYS A 14 30.58 14.75 8.64
C LYS A 14 29.49 14.66 9.72
N LEU A 15 28.41 13.92 9.44
CA LEU A 15 27.39 13.66 10.47
C LEU A 15 27.89 12.76 11.57
N PHE A 16 28.93 11.95 11.31
CA PHE A 16 29.46 10.96 12.27
C PHE A 16 30.90 11.25 12.66
N GLU A 17 31.27 12.52 12.71
CA GLU A 17 32.61 12.96 13.06
C GLU A 17 32.53 13.71 14.38
N THR A 18 33.41 13.35 15.31
CA THR A 18 33.51 14.00 16.64
C THR A 18 33.68 15.52 16.56
N VAL A 19 33.10 16.21 17.54
CA VAL A 19 33.25 17.67 17.68
C VAL A 19 33.53 18.07 19.14
N GLU A 20 33.98 19.29 19.31
CA GLU A 20 34.22 19.87 20.64
C GLU A 20 33.01 20.68 21.09
N GLU A 21 32.68 20.64 22.38
CA GLU A 21 31.68 21.57 22.94
C GLU A 21 32.21 23.01 22.96
N LEU A 22 31.29 23.95 23.06
CA LEU A 22 31.65 25.36 23.21
C LEU A 22 31.65 25.69 24.70
N SER A 23 32.36 26.74 25.09
CA SER A 23 32.25 27.27 26.46
C SER A 23 31.18 28.36 26.60
N SER A 24 30.76 28.95 25.48
CA SER A 24 29.61 29.86 25.46
C SER A 24 29.07 30.07 24.02
N PRO A 25 27.85 30.63 23.89
CA PRO A 25 27.21 30.81 22.58
C PRO A 25 28.00 31.54 21.45
N LEU A 26 27.90 31.01 20.23
CA LEU A 26 28.35 31.69 19.03
C LEU A 26 27.20 32.45 18.41
N THR A 27 27.53 33.50 17.66
CA THR A 27 26.58 34.14 16.79
C THR A 27 26.45 33.30 15.53
N ALA A 28 25.22 33.16 15.06
CA ALA A 28 24.94 32.57 13.76
C ALA A 28 24.69 33.70 12.77
N HIS A 29 25.44 33.75 11.68
CA HIS A 29 25.23 34.79 10.66
C HIS A 29 23.95 34.48 9.85
N VAL A 30 22.96 35.35 9.98
CA VAL A 30 21.68 35.22 9.29
C VAL A 30 21.70 35.76 7.85
N THR A 31 21.18 35.00 6.89
CA THR A 31 20.71 35.59 5.60
C THR A 31 19.20 35.34 5.52
N GLY A 32 18.49 36.23 4.83
CA GLY A 32 17.05 36.28 4.92
C GLY A 32 16.63 36.89 6.25
N ARG A 33 15.35 36.70 6.60
CA ARG A 33 14.78 37.37 7.78
C ARG A 33 14.11 36.39 8.80
N ILE A 34 14.83 36.09 9.90
CA ILE A 34 14.30 35.31 11.03
C ILE A 34 13.00 36.00 11.47
N PRO A 35 11.87 35.26 11.56
CA PRO A 35 10.61 35.91 11.96
C PRO A 35 10.67 36.53 13.35
N LEU A 36 10.05 37.68 13.54
CA LEU A 36 10.23 38.44 14.79
C LEU A 36 9.42 37.86 15.95
N TRP A 37 8.34 37.15 15.61
CA TRP A 37 7.58 36.36 16.58
C TRP A 37 8.26 35.06 17.05
N LEU A 38 9.38 34.68 16.46
CA LEU A 38 10.08 33.48 16.87
C LEU A 38 11.00 33.78 18.05
N THR A 39 10.53 33.43 19.26
CA THR A 39 11.26 33.71 20.50
C THR A 39 11.33 32.46 21.36
N GLY A 40 12.54 31.94 21.56
CA GLY A 40 12.72 30.70 22.30
C GLY A 40 13.96 29.97 21.87
N SER A 41 14.00 28.68 22.18
CA SER A 41 15.17 27.83 21.97
C SER A 41 14.83 26.55 21.22
N LEU A 42 15.59 26.25 20.18
CA LEU A 42 15.52 24.93 19.59
C LEU A 42 16.51 24.03 20.32
N LEU A 43 16.02 23.04 21.09
CA LEU A 43 16.89 22.12 21.83
C LEU A 43 16.91 20.76 21.16
N ARG A 44 18.09 20.20 20.89
CA ARG A 44 18.23 18.93 20.18
C ARG A 44 19.35 18.08 20.76
N CYS A 45 19.16 16.76 20.72
CA CYS A 45 20.16 15.81 21.20
C CYS A 45 20.71 14.94 20.07
N GLY A 46 21.93 14.49 20.25
CA GLY A 46 22.62 13.65 19.27
C GLY A 46 23.97 13.20 19.82
N PRO A 47 24.59 12.19 19.21
CA PRO A 47 25.97 11.85 19.57
C PRO A 47 26.96 12.94 19.11
N GLY A 48 27.93 13.27 19.94
CA GLY A 48 28.99 14.22 19.59
C GLY A 48 30.41 13.66 19.66
N LEU A 49 30.61 12.55 20.36
CA LEU A 49 31.94 11.96 20.54
C LEU A 49 31.88 10.49 20.10
N PHE A 50 32.54 10.16 18.98
CA PHE A 50 32.37 8.84 18.33
C PHE A 50 33.49 7.88 18.63
N GLU A 51 34.45 8.31 19.46
CA GLU A 51 35.52 7.44 20.00
C GLU A 51 36.07 8.05 21.28
N VAL A 52 36.51 7.18 22.18
CA VAL A 52 37.19 7.59 23.42
C VAL A 52 38.67 7.29 23.22
N GLY A 53 39.41 8.32 22.82
CA GLY A 53 40.80 8.17 22.46
C GLY A 53 40.93 7.32 21.20
N SER A 54 41.42 6.11 21.38
CA SER A 54 41.60 5.16 20.29
C SER A 54 40.62 3.98 20.35
N GLU A 55 39.79 3.89 21.39
CA GLU A 55 38.63 2.98 21.42
C GLU A 55 37.44 3.61 20.67
N PRO A 56 36.96 2.94 19.60
CA PRO A 56 35.87 3.54 18.80
C PRO A 56 34.46 3.06 19.19
N PHE A 57 33.47 3.93 19.02
CA PHE A 57 32.08 3.50 19.07
C PHE A 57 31.69 2.94 17.68
N TYR A 58 30.92 1.84 17.69
CA TYR A 58 30.59 1.12 16.44
C TYR A 58 29.23 1.53 15.82
N HIS A 59 28.21 1.74 16.66
CA HIS A 59 26.85 1.99 16.21
C HIS A 59 26.46 3.46 16.26
N LEU A 60 25.50 3.82 15.42
CA LEU A 60 24.92 5.17 15.36
C LEU A 60 24.40 5.70 16.71
N PHE A 61 23.96 4.80 17.58
CA PHE A 61 23.33 5.15 18.86
C PHE A 61 24.31 5.00 20.04
N ASP A 62 25.62 4.94 19.77
CA ASP A 62 26.66 4.77 20.80
C ASP A 62 27.41 6.05 21.19
N GLY A 63 27.57 6.97 20.25
CA GLY A 63 28.28 8.19 20.53
C GLY A 63 27.76 8.95 21.73
N GLN A 64 28.65 9.65 22.43
CA GLN A 64 28.28 10.34 23.67
C GLN A 64 27.37 11.55 23.45
N ALA A 65 26.30 11.60 24.24
CA ALA A 65 25.26 12.61 24.11
C ALA A 65 25.76 14.04 24.13
N LEU A 66 25.24 14.80 23.17
CA LEU A 66 25.57 16.20 22.99
C LEU A 66 24.28 17.02 22.89
N LEU A 67 24.10 17.99 23.78
CA LEU A 67 22.90 18.82 23.83
C LEU A 67 23.17 20.09 23.07
N HIS A 68 22.32 20.39 22.09
CA HIS A 68 22.44 21.57 21.23
C HIS A 68 21.36 22.61 21.52
N LYS A 69 21.65 23.87 21.26
CA LYS A 69 20.67 24.94 21.43
C LYS A 69 20.86 26.09 20.45
N PHE A 70 19.82 26.37 19.67
CA PHE A 70 19.71 27.60 18.89
C PHE A 70 18.71 28.54 19.56
N ASP A 71 19.13 29.76 19.90
CA ASP A 71 18.23 30.75 20.52
C ASP A 71 17.79 31.74 19.50
N PHE A 72 16.56 32.21 19.63
CA PHE A 72 15.97 33.15 18.68
C PHE A 72 15.35 34.30 19.42
N LYS A 73 15.81 35.52 19.13
CA LYS A 73 15.23 36.73 19.71
C LYS A 73 15.45 37.89 18.80
N GLU A 74 14.37 38.61 18.48
CA GLU A 74 14.41 39.83 17.67
C GLU A 74 15.21 39.66 16.38
N GLY A 75 14.97 38.55 15.69
CA GLY A 75 15.57 38.27 14.41
C GLY A 75 17.02 37.87 14.43
N HIS A 76 17.57 37.59 15.62
CA HIS A 76 18.99 37.29 15.87
C HIS A 76 19.05 35.87 16.44
N VAL A 77 20.17 35.19 16.20
CA VAL A 77 20.32 33.78 16.52
C VAL A 77 21.67 33.48 17.15
N THR A 78 21.67 32.60 18.15
CA THR A 78 22.91 32.05 18.68
C THR A 78 22.89 30.54 18.62
N TYR A 79 24.07 29.93 18.72
CA TYR A 79 24.21 28.48 18.78
C TYR A 79 25.13 28.09 19.92
N HIS A 80 24.77 27.07 20.67
CA HIS A 80 25.53 26.63 21.83
C HIS A 80 25.36 25.13 21.96
N ARG A 81 26.38 24.47 22.52
CA ARG A 81 26.32 23.04 22.74
C ARG A 81 27.27 22.63 23.84
N ARG A 82 26.82 21.64 24.63
CA ARG A 82 27.60 21.05 25.71
C ARG A 82 27.34 19.56 25.70
N PHE A 83 28.38 18.78 26.00
CA PHE A 83 28.20 17.36 26.29
C PHE A 83 27.41 17.17 27.61
N ILE A 84 26.62 16.13 27.68
CA ILE A 84 25.84 15.86 28.88
C ILE A 84 26.75 15.07 29.83
N ARG A 85 26.90 15.53 31.06
CA ARG A 85 27.75 14.84 32.04
C ARG A 85 27.05 13.63 32.65
N THR A 86 26.85 12.61 31.82
CA THR A 86 26.24 11.35 32.23
C THR A 86 27.31 10.55 32.96
N ASP A 87 26.93 9.42 33.56
CA ASP A 87 27.91 8.47 34.07
C ASP A 87 28.84 8.01 32.95
N ALA A 88 28.24 7.52 31.86
CA ALA A 88 28.99 7.03 30.70
C ALA A 88 30.05 8.02 30.26
N TYR A 89 29.69 9.29 30.15
CA TYR A 89 30.60 10.32 29.67
C TYR A 89 31.68 10.65 30.70
N VAL A 90 31.23 10.91 31.92
CA VAL A 90 32.10 11.29 33.03
C VAL A 90 33.16 10.22 33.28
N ARG A 91 32.72 8.97 33.39
CA ARG A 91 33.59 7.86 33.68
C ARG A 91 34.56 7.57 32.54
N ALA A 92 34.13 7.85 31.31
CA ALA A 92 34.99 7.72 30.15
C ALA A 92 36.09 8.78 30.17
N MET A 93 35.76 10.02 30.49
CA MET A 93 36.78 11.08 30.64
C MET A 93 37.71 10.79 31.82
N THR A 94 37.16 10.25 32.92
CA THR A 94 37.96 9.87 34.09
C THR A 94 38.95 8.78 33.74
N GLU A 95 38.46 7.66 33.21
CA GLU A 95 39.29 6.50 32.92
C GLU A 95 39.94 6.47 31.52
N LYS A 96 39.79 7.54 30.74
CA LYS A 96 40.31 7.65 29.36
C LYS A 96 40.10 6.38 28.47
N ARG A 97 38.91 5.80 28.59
CA ARG A 97 38.52 4.62 27.82
C ARG A 97 36.98 4.51 27.82
N ILE A 98 36.42 3.57 27.05
CA ILE A 98 34.98 3.31 27.05
C ILE A 98 34.65 2.44 28.26
N VAL A 99 33.86 2.95 29.20
CA VAL A 99 33.62 2.24 30.46
C VAL A 99 32.27 1.54 30.50
N ILE A 100 31.21 2.24 30.07
CA ILE A 100 29.86 1.64 30.03
C ILE A 100 29.61 1.07 28.60
N THR A 101 28.98 -0.11 28.56
CA THR A 101 28.53 -0.72 27.31
C THR A 101 27.41 0.16 26.69
N GLU A 102 27.64 0.68 25.50
CA GLU A 102 26.59 1.35 24.75
C GLU A 102 25.80 0.32 23.93
N PHE A 103 24.73 0.80 23.30
CA PHE A 103 23.82 0.00 22.48
C PHE A 103 24.46 -1.10 21.61
N GLY A 104 25.45 -0.70 20.81
CA GLY A 104 26.24 -1.61 19.99
C GLY A 104 27.76 -1.48 20.14
N THR A 105 28.23 -1.24 21.35
CA THR A 105 29.66 -1.16 21.63
C THR A 105 29.85 -1.68 23.03
N CYS A 106 30.45 -2.87 23.12
CA CYS A 106 30.72 -3.52 24.40
C CYS A 106 31.97 -2.88 25.01
N ALA A 107 31.90 -2.49 26.28
CA ALA A 107 33.08 -1.98 27.01
C ALA A 107 33.78 -3.16 27.71
N PHE A 108 35.11 -3.21 27.65
CA PHE A 108 35.85 -4.33 28.29
C PHE A 108 36.32 -3.93 29.72
N PRO A 109 36.39 -4.91 30.66
CA PRO A 109 36.82 -4.57 32.04
C PRO A 109 38.35 -4.44 32.21
N GLU A 127 25.36 -3.07 34.49
CA GLU A 127 25.61 -1.63 34.52
C GLU A 127 25.11 -0.78 33.31
N VAL A 128 23.86 -0.31 33.39
CA VAL A 128 23.09 0.18 32.22
C VAL A 128 23.49 1.59 31.81
N THR A 129 23.60 1.83 30.49
CA THR A 129 23.96 3.17 29.98
C THR A 129 22.88 4.21 30.27
N ASP A 130 23.34 5.44 30.48
CA ASP A 130 22.48 6.59 30.67
C ASP A 130 22.83 7.67 29.65
N ASN A 131 23.43 7.25 28.52
CA ASN A 131 23.87 8.16 27.43
C ASN A 131 22.65 8.76 26.72
N ALA A 132 22.31 9.99 27.10
CA ALA A 132 21.00 10.60 26.75
C ALA A 132 21.07 11.34 25.41
N LEU A 133 21.29 10.54 24.37
CA LEU A 133 21.63 11.07 23.05
C LEU A 133 20.44 11.27 22.12
N VAL A 134 19.27 10.79 22.53
CA VAL A 134 18.12 10.64 21.63
C VAL A 134 17.20 11.84 21.65
N ASN A 135 16.71 12.25 22.81
CA ASN A 135 15.67 13.29 22.87
C ASN A 135 15.71 14.06 24.20
N ILE A 136 14.94 15.14 24.25
CA ILE A 136 14.79 15.98 25.43
C ILE A 136 13.31 16.36 25.60
N TYR A 137 12.79 16.33 26.82
CA TYR A 137 11.37 16.63 27.04
C TYR A 137 11.03 17.21 28.41
N PRO A 138 9.91 17.98 28.50
CA PRO A 138 9.50 18.57 29.77
C PRO A 138 8.70 17.62 30.69
N VAL A 139 9.06 17.66 31.97
CA VAL A 139 8.23 17.17 33.07
C VAL A 139 8.18 18.28 34.11
N GLY A 140 6.96 18.71 34.48
CA GLY A 140 6.82 19.86 35.39
C GLY A 140 7.58 21.05 34.80
N GLU A 141 8.36 21.73 35.64
CA GLU A 141 9.24 22.84 35.24
C GLU A 141 10.65 22.39 34.79
N ASP A 142 10.89 21.09 34.74
CA ASP A 142 12.20 20.53 34.35
C ASP A 142 12.24 19.99 32.92
N TYR A 143 13.46 19.82 32.41
CA TYR A 143 13.71 19.21 31.12
C TYR A 143 14.64 18.03 31.31
N TYR A 144 14.33 16.91 30.64
CA TYR A 144 15.13 15.70 30.71
C TYR A 144 15.60 15.27 29.34
N ALA A 145 16.91 15.11 29.20
CA ALA A 145 17.51 14.39 28.09
C ALA A 145 17.32 12.91 28.36
N CYS A 146 17.09 12.12 27.31
CA CYS A 146 16.87 10.69 27.46
C CYS A 146 17.48 9.83 26.35
N THR A 147 17.64 8.57 26.69
CA THR A 147 17.80 7.52 25.71
C THR A 147 16.56 6.61 25.90
N GLU A 148 16.72 5.30 25.85
CA GLU A 148 15.60 4.36 26.00
C GLU A 148 15.76 3.44 27.19
N THR A 149 16.67 3.82 28.09
CA THR A 149 16.92 3.05 29.31
C THR A 149 16.14 3.62 30.49
N ASN A 150 16.36 3.02 31.67
CA ASN A 150 15.78 3.47 32.94
C ASN A 150 16.34 4.79 33.51
N PHE A 151 17.45 5.29 32.96
CA PHE A 151 18.07 6.54 33.39
C PHE A 151 17.78 7.69 32.44
N ILE A 152 17.15 8.73 32.98
CA ILE A 152 16.99 10.00 32.25
C ILE A 152 17.77 11.08 33.00
N THR A 153 18.16 12.13 32.29
CA THR A 153 19.09 13.11 32.83
C THR A 153 18.50 14.51 32.78
N LYS A 154 18.20 15.05 33.96
CA LYS A 154 17.75 16.42 34.09
C LYS A 154 18.83 17.36 33.58
N VAL A 155 18.45 18.31 32.73
CA VAL A 155 19.39 19.32 32.21
C VAL A 155 18.81 20.72 32.34
N ASN A 156 19.71 21.70 32.35
CA ASN A 156 19.33 23.11 32.40
C ASN A 156 19.18 23.61 30.97
N PRO A 157 17.98 24.03 30.57
CA PRO A 157 17.75 24.41 29.17
C PRO A 157 18.31 25.73 28.75
N GLU A 158 18.79 26.56 29.68
CA GLU A 158 19.41 27.86 29.36
C GLU A 158 20.92 27.81 29.30
N THR A 159 21.54 27.05 30.20
CA THR A 159 23.01 26.94 30.26
C THR A 159 23.52 25.62 29.63
N LEU A 160 22.61 24.67 29.42
CA LEU A 160 22.94 23.31 28.98
C LEU A 160 23.81 22.58 29.99
N GLU A 161 23.69 22.94 31.27
CA GLU A 161 24.41 22.19 32.30
C GLU A 161 23.64 20.94 32.70
N THR A 162 24.38 19.91 33.04
CA THR A 162 23.79 18.65 33.50
C THR A 162 23.47 18.83 34.96
N ILE A 163 22.26 18.45 35.38
CA ILE A 163 21.80 18.71 36.74
C ILE A 163 21.82 17.43 37.53
N LYS A 164 21.18 16.38 37.05
CA LYS A 164 21.16 15.13 37.79
C LYS A 164 20.72 13.96 36.93
N GLN A 165 21.09 12.76 37.37
CA GLN A 165 20.59 11.51 36.83
C GLN A 165 19.36 11.09 37.63
N VAL A 166 18.35 10.58 36.95
CA VAL A 166 17.13 10.05 37.58
C VAL A 166 16.98 8.60 37.13
N ASP A 167 16.75 7.71 38.08
CA ASP A 167 16.53 6.30 37.79
C ASP A 167 15.02 6.13 37.87
N LEU A 168 14.38 5.74 36.78
CA LEU A 168 12.93 5.56 36.76
C LEU A 168 12.49 4.38 37.62
N CYS A 169 13.36 3.39 37.81
CA CYS A 169 13.04 2.23 38.67
C CYS A 169 12.83 2.60 40.14
N ASN A 170 13.46 3.69 40.59
CA ASN A 170 13.19 4.23 41.92
C ASN A 170 11.74 4.66 42.12
N TYR A 171 11.00 4.85 41.02
CA TYR A 171 9.62 5.34 41.09
C TYR A 171 8.52 4.40 40.59
N VAL A 172 8.80 3.60 39.56
CA VAL A 172 7.76 2.83 38.86
C VAL A 172 8.37 1.60 38.28
N SER A 173 7.54 0.60 38.03
CA SER A 173 7.97 -0.72 37.64
C SER A 173 8.13 -0.88 36.12
N VAL A 174 9.23 -0.34 35.60
CA VAL A 174 9.62 -0.53 34.20
C VAL A 174 11.13 -0.70 34.11
N ASN A 175 11.61 -1.47 33.14
CA ASN A 175 13.06 -1.62 32.88
C ASN A 175 13.65 -0.53 31.96
N GLY A 176 12.78 0.18 31.26
CA GLY A 176 13.20 1.27 30.40
C GLY A 176 11.98 2.08 30.04
N ALA A 177 12.20 3.17 29.32
CA ALA A 177 11.10 3.92 28.75
C ALA A 177 11.55 4.58 27.45
N THR A 178 10.61 4.78 26.53
CA THR A 178 10.96 5.30 25.20
C THR A 178 11.43 6.75 25.27
N ALA A 179 12.15 7.15 24.23
CA ALA A 179 12.50 8.55 24.06
C ALA A 179 11.34 9.37 23.51
N HIS A 180 10.12 8.81 23.50
CA HIS A 180 8.97 9.42 22.84
C HIS A 180 7.73 9.47 23.74
N PRO A 181 7.87 10.10 24.91
CA PRO A 181 6.67 10.26 25.75
C PRO A 181 5.71 11.21 25.06
N HIS A 182 4.42 10.96 25.22
CA HIS A 182 3.41 11.93 24.83
C HIS A 182 3.23 12.96 25.98
N ILE A 183 2.88 14.20 25.60
CA ILE A 183 2.78 15.31 26.53
C ILE A 183 1.45 16.02 26.25
N GLU A 184 0.48 15.80 27.11
CA GLU A 184 -0.79 16.55 27.05
C GLU A 184 -0.59 18.01 27.45
N ASN A 185 -1.50 18.90 27.01
CA ASN A 185 -1.35 20.36 27.17
C ASN A 185 -1.22 20.85 28.63
N ASP A 186 -1.90 20.16 29.56
CA ASP A 186 -1.77 20.45 30.98
C ASP A 186 -0.43 20.03 31.61
N GLY A 187 0.51 19.47 30.82
CA GLY A 187 1.79 18.95 31.32
C GLY A 187 1.87 17.46 31.64
N THR A 188 0.72 16.77 31.66
CA THR A 188 0.69 15.33 31.96
C THR A 188 1.54 14.59 30.93
N VAL A 189 2.39 13.69 31.41
CA VAL A 189 3.33 12.95 30.56
C VAL A 189 2.98 11.48 30.58
N TYR A 190 2.77 10.88 29.40
CA TYR A 190 2.63 9.44 29.29
C TYR A 190 3.83 8.84 28.57
N ASN A 191 4.21 7.64 29.00
CA ASN A 191 5.24 6.88 28.32
C ASN A 191 5.00 5.36 28.44
N ILE A 192 5.76 4.57 27.71
CA ILE A 192 5.63 3.10 27.73
C ILE A 192 7.02 2.47 27.90
N GLY A 193 7.06 1.35 28.61
CA GLY A 193 8.30 0.63 28.86
C GLY A 193 8.06 -0.86 29.01
N ASN A 194 9.11 -1.63 28.75
CA ASN A 194 9.12 -3.07 29.03
C ASN A 194 9.12 -3.30 30.55
N CYS A 195 8.53 -4.41 30.98
CA CYS A 195 8.61 -4.83 32.38
C CYS A 195 8.91 -6.33 32.53
N PHE A 196 10.13 -6.64 32.99
CA PHE A 196 10.61 -8.05 33.23
C PHE A 196 10.41 -8.47 34.67
N ILE A 202 5.83 -10.81 32.24
CA ILE A 202 6.34 -9.87 31.25
C ILE A 202 5.17 -9.08 30.63
N ALA A 203 5.36 -7.77 30.50
CA ALA A 203 4.32 -6.88 30.03
C ALA A 203 4.92 -5.57 29.50
N TYR A 204 4.06 -4.70 28.98
CA TYR A 204 4.43 -3.33 28.62
C TYR A 204 3.56 -2.39 29.45
N ASN A 205 4.16 -1.53 30.23
CA ASN A 205 3.41 -0.67 31.15
C ASN A 205 3.35 0.75 30.64
N ILE A 206 2.17 1.36 30.78
CA ILE A 206 2.03 2.79 30.53
C ILE A 206 2.26 3.56 31.83
N VAL A 207 3.27 4.42 31.85
CA VAL A 207 3.56 5.28 32.98
C VAL A 207 2.87 6.61 32.75
N LYS A 208 2.23 7.14 33.78
CA LYS A 208 1.69 8.51 33.76
C LYS A 208 2.37 9.35 34.82
N ILE A 209 3.02 10.40 34.38
CA ILE A 209 3.61 11.39 35.28
C ILE A 209 2.66 12.60 35.28
N PRO A 210 2.13 13.00 36.45
CA PRO A 210 1.16 14.10 36.47
C PRO A 210 1.81 15.47 36.32
N PRO A 211 1.01 16.52 36.03
CA PRO A 211 1.60 17.88 35.91
C PRO A 211 2.07 18.39 37.23
N LEU A 212 2.88 19.46 37.23
CA LEU A 212 3.28 20.08 38.50
C LEU A 212 2.03 20.60 39.23
N GLN A 213 1.90 20.24 40.51
CA GLN A 213 0.73 20.63 41.31
C GLN A 213 1.04 21.84 42.20
N ALA A 214 0.06 22.22 43.02
CA ALA A 214 0.22 23.31 44.00
C ALA A 214 1.30 23.00 45.04
N ASP A 215 1.42 21.74 45.49
CA ASP A 215 2.47 21.37 46.47
C ASP A 215 3.91 21.54 45.96
N LYS A 216 4.09 21.67 44.65
CA LYS A 216 5.38 22.02 44.03
C LYS A 216 6.46 20.94 44.20
N GLU A 217 6.08 19.74 44.65
CA GLU A 217 7.03 18.62 44.69
C GLU A 217 7.15 17.96 43.32
N ASP A 218 8.22 17.20 43.17
CA ASP A 218 8.67 16.75 41.86
C ASP A 218 7.68 15.70 41.33
N PRO A 219 7.06 15.95 40.13
CA PRO A 219 6.04 15.01 39.59
C PRO A 219 6.53 13.59 39.34
N ILE A 220 7.83 13.38 39.18
CA ILE A 220 8.32 12.01 39.04
C ILE A 220 8.03 11.17 40.29
N SER A 221 8.03 11.81 41.47
CA SER A 221 7.63 11.12 42.73
C SER A 221 6.17 10.64 42.71
N LYS A 222 5.31 11.30 41.93
CA LYS A 222 3.91 10.89 41.77
C LYS A 222 3.62 9.99 40.54
N SER A 223 4.67 9.44 39.91
CA SER A 223 4.55 8.54 38.74
C SER A 223 3.76 7.31 39.09
N GLU A 224 3.05 6.77 38.10
CA GLU A 224 2.39 5.47 38.28
C GLU A 224 2.09 4.73 36.97
N ILE A 225 2.06 3.42 37.06
CA ILE A 225 1.56 2.56 36.00
C ILE A 225 0.04 2.69 36.01
N VAL A 226 -0.56 3.11 34.90
CA VAL A 226 -2.03 3.17 34.75
C VAL A 226 -2.64 2.04 33.95
N VAL A 227 -1.90 1.45 33.01
CA VAL A 227 -2.40 0.31 32.25
C VAL A 227 -1.29 -0.52 31.67
N GLN A 228 -1.62 -1.77 31.41
CA GLN A 228 -0.66 -2.79 31.08
C GLN A 228 -1.10 -3.48 29.77
N PHE A 229 -0.15 -3.63 28.86
CA PHE A 229 -0.38 -4.32 27.60
C PHE A 229 0.29 -5.67 27.74
N PRO A 230 -0.38 -6.75 27.26
CA PRO A 230 0.20 -8.08 27.31
C PRO A 230 1.33 -8.27 26.30
N CYS A 231 2.06 -9.38 26.45
N CYS A 231 2.05 -9.38 26.45
CA CYS A 231 3.17 -9.73 25.55
CA CYS A 231 3.20 -9.76 25.65
C CYS A 231 2.79 -10.93 24.73
C CYS A 231 2.85 -10.96 24.76
N SER A 232 3.28 -10.97 23.49
CA SER A 232 2.98 -12.08 22.59
C SER A 232 3.76 -13.35 22.90
N ASP A 233 4.89 -13.19 23.58
CA ASP A 233 5.83 -14.26 23.91
C ASP A 233 6.30 -13.99 25.34
N ARG A 234 6.23 -15.01 26.19
CA ARG A 234 6.52 -14.82 27.61
C ARG A 234 7.96 -14.40 27.88
N PHE A 235 8.91 -15.01 27.20
CA PHE A 235 10.35 -14.72 27.42
C PHE A 235 10.99 -13.73 26.41
N LYS A 236 10.19 -13.19 25.48
CA LYS A 236 10.70 -12.31 24.44
C LYS A 236 9.76 -11.13 24.16
N PRO A 237 9.98 -9.99 24.83
CA PRO A 237 9.23 -8.78 24.51
C PRO A 237 9.69 -8.03 23.25
N SER A 238 8.75 -7.37 22.59
CA SER A 238 9.08 -6.59 21.40
C SER A 238 9.79 -5.33 21.78
N TYR A 239 10.76 -4.94 20.97
CA TYR A 239 11.35 -3.62 21.03
C TYR A 239 10.25 -2.63 20.76
N VAL A 240 10.21 -1.56 21.54
CA VAL A 240 9.20 -0.53 21.40
C VAL A 240 9.87 0.82 21.46
N HIS A 241 9.56 1.66 20.49
CA HIS A 241 10.20 2.94 20.30
C HIS A 241 9.26 4.13 20.55
N SER A 242 7.97 3.95 20.35
CA SER A 242 7.00 5.03 20.50
C SER A 242 5.62 4.41 20.59
N PHE A 243 4.61 5.24 20.76
CA PHE A 243 3.27 4.73 20.89
C PHE A 243 2.30 5.83 20.56
N GLY A 244 1.03 5.45 20.44
CA GLY A 244 -0.03 6.40 20.04
C GLY A 244 -0.95 6.83 21.18
N LEU A 245 -1.39 8.07 21.15
CA LEU A 245 -2.26 8.56 22.18
C LEU A 245 -3.34 9.48 21.64
N THR A 246 -4.56 9.27 22.11
CA THR A 246 -5.69 10.12 21.76
C THR A 246 -6.31 10.50 23.09
N PRO A 247 -7.27 11.44 23.09
CA PRO A 247 -7.96 11.76 24.34
C PRO A 247 -8.46 10.53 25.11
N ASN A 248 -8.96 9.54 24.40
CA ASN A 248 -9.58 8.38 25.02
C ASN A 248 -8.84 7.09 24.92
N TYR A 249 -7.82 6.99 24.07
CA TYR A 249 -7.18 5.70 23.86
C TYR A 249 -5.69 5.79 23.80
N ILE A 250 -5.10 4.64 24.04
CA ILE A 250 -3.68 4.42 23.93
C ILE A 250 -3.51 3.31 22.93
N VAL A 251 -2.62 3.52 21.96
CA VAL A 251 -2.31 2.50 20.96
C VAL A 251 -0.87 2.09 21.07
N PHE A 252 -0.65 0.78 21.01
CA PHE A 252 0.69 0.20 21.11
C PHE A 252 0.81 -0.82 20.00
N VAL A 253 1.93 -0.76 19.27
CA VAL A 253 2.15 -1.60 18.12
C VAL A 253 3.29 -2.58 18.45
N GLU A 254 2.92 -3.85 18.59
CA GLU A 254 3.86 -4.91 18.95
C GLU A 254 4.42 -5.56 17.69
N THR A 255 5.68 -5.25 17.39
CA THR A 255 6.36 -5.69 16.17
C THR A 255 7.11 -7.00 16.35
N PRO A 256 7.56 -7.59 15.22
CA PRO A 256 8.31 -8.82 15.35
C PRO A 256 9.81 -8.65 15.67
N VAL A 257 10.28 -7.47 16.00
CA VAL A 257 11.63 -7.28 16.49
C VAL A 257 11.59 -7.51 18.00
N LYS A 258 12.17 -8.63 18.42
CA LYS A 258 12.10 -9.09 19.80
C LYS A 258 13.43 -8.94 20.50
N ILE A 259 13.37 -8.79 21.82
CA ILE A 259 14.54 -8.78 22.71
C ILE A 259 14.63 -10.16 23.33
N ASN A 260 15.73 -10.85 23.10
CA ASN A 260 15.92 -12.20 23.59
C ASN A 260 16.45 -12.15 25.02
N LEU A 261 15.57 -12.45 25.97
CA LEU A 261 15.90 -12.30 27.39
C LEU A 261 16.89 -13.36 27.89
N PHE A 262 16.94 -14.52 27.24
CA PHE A 262 17.96 -15.54 27.58
C PHE A 262 19.36 -14.98 27.35
N LYS A 263 19.61 -14.36 26.18
CA LYS A 263 20.89 -13.66 25.94
C LYS A 263 21.04 -12.38 26.79
N PHE A 264 19.93 -11.68 27.06
CA PHE A 264 19.92 -10.36 27.73
C PHE A 264 20.40 -10.45 29.18
N LEU A 265 19.78 -11.36 29.95
CA LEU A 265 20.02 -11.49 31.40
C LEU A 265 21.31 -12.29 31.74
N SER A 266 21.70 -13.27 30.91
CA SER A 266 22.93 -14.06 31.15
C SER A 266 24.17 -13.17 31.22
N SER A 267 25.20 -13.59 31.97
CA SER A 267 26.37 -12.73 32.27
C SER A 267 27.00 -12.14 30.99
N TRP A 268 26.96 -10.81 30.88
CA TRP A 268 27.29 -10.06 29.65
C TRP A 268 28.80 -9.97 29.39
N SER A 269 29.58 -9.51 30.36
CA SER A 269 31.05 -9.44 30.21
C SER A 269 31.78 -10.77 30.51
N LEU A 270 31.05 -11.90 30.57
CA LEU A 270 31.66 -13.24 30.41
C LEU A 270 31.98 -13.49 28.92
N TRP A 271 30.96 -13.73 28.09
CA TRP A 271 31.14 -13.80 26.64
C TRP A 271 31.55 -12.45 26.05
N GLY A 272 30.72 -11.42 26.26
CA GLY A 272 31.03 -10.04 25.81
C GLY A 272 29.98 -9.33 24.95
N ALA A 273 28.72 -9.39 25.38
CA ALA A 273 27.56 -8.91 24.59
C ALA A 273 27.18 -7.43 24.82
N ASN A 274 26.66 -6.82 23.76
CA ASN A 274 26.01 -5.51 23.84
C ASN A 274 24.49 -5.67 23.62
N TYR A 275 23.79 -4.53 23.55
CA TYR A 275 22.34 -4.53 23.43
C TYR A 275 21.89 -5.09 22.07
N MET A 276 22.54 -4.62 20.99
CA MET A 276 22.28 -5.11 19.64
C MET A 276 22.36 -6.64 19.56
N ASP A 277 23.28 -7.26 20.29
CA ASP A 277 23.40 -8.73 20.29
C ASP A 277 22.19 -9.49 20.86
N CYS A 278 21.23 -8.79 21.43
CA CYS A 278 20.11 -9.49 22.06
C CYS A 278 18.82 -9.41 21.24
N PHE A 279 18.85 -8.72 20.08
CA PHE A 279 17.66 -8.61 19.24
C PHE A 279 17.57 -9.78 18.28
N GLU A 280 16.37 -10.28 18.07
CA GLU A 280 16.11 -11.23 16.99
C GLU A 280 14.74 -10.93 16.39
N SER A 281 14.44 -11.58 15.28
CA SER A 281 13.18 -11.35 14.56
C SER A 281 12.29 -12.57 14.60
N ASN A 282 11.09 -12.42 15.12
CA ASN A 282 10.08 -13.47 15.02
C ASN A 282 9.48 -13.49 13.62
N GLU A 283 9.69 -14.60 12.90
CA GLU A 283 9.29 -14.69 11.48
C GLU A 283 7.77 -14.84 11.26
N THR A 284 7.08 -15.49 12.18
CA THR A 284 5.70 -15.89 11.99
C THR A 284 4.63 -14.96 12.59
N MET A 285 4.95 -14.14 13.59
CA MET A 285 3.89 -13.37 14.29
C MET A 285 3.29 -12.16 13.51
N GLY A 286 4.01 -11.63 12.53
CA GLY A 286 3.65 -10.37 11.93
C GLY A 286 3.66 -9.25 12.95
N VAL A 287 2.65 -8.37 12.87
CA VAL A 287 2.47 -7.25 13.80
C VAL A 287 1.11 -7.34 14.49
N TRP A 288 1.14 -7.22 15.81
CA TRP A 288 -0.05 -7.25 16.63
C TRP A 288 -0.27 -5.81 17.12
N LEU A 289 -1.48 -5.29 16.97
CA LEU A 289 -1.81 -3.94 17.44
C LEU A 289 -2.76 -4.04 18.64
N HIS A 290 -2.56 -3.13 19.59
CA HIS A 290 -3.19 -3.18 20.90
C HIS A 290 -3.78 -1.82 21.22
N ILE A 291 -4.99 -1.79 21.76
CA ILE A 291 -5.60 -0.54 22.23
C ILE A 291 -5.94 -0.69 23.70
N ALA A 292 -5.77 0.41 24.44
CA ALA A 292 -6.26 0.47 25.81
C ALA A 292 -7.16 1.68 25.95
N ASP A 293 -8.12 1.56 26.88
CA ASP A 293 -8.98 2.66 27.30
C ASP A 293 -8.22 3.55 28.28
N LYS A 294 -7.98 4.80 27.89
CA LYS A 294 -7.07 5.66 28.65
C LYS A 294 -7.70 6.05 29.99
N LYS A 295 -8.97 6.45 29.93
CA LYS A 295 -9.68 7.01 31.08
C LYS A 295 -10.20 5.97 32.03
N ARG A 296 -10.63 4.82 31.52
CA ARG A 296 -11.01 3.70 32.38
C ARG A 296 -9.83 2.83 32.73
N LYS A 297 -8.63 3.19 32.25
CA LYS A 297 -7.37 2.54 32.62
C LYS A 297 -7.43 1.03 32.39
N LYS A 298 -7.93 0.61 31.22
CA LYS A 298 -8.26 -0.79 30.94
C LYS A 298 -7.82 -1.24 29.53
N TYR A 299 -7.13 -2.38 29.46
CA TYR A 299 -6.79 -3.04 28.18
C TYR A 299 -8.03 -3.61 27.47
N ILE A 300 -8.15 -3.35 26.17
CA ILE A 300 -9.28 -3.82 25.38
C ILE A 300 -8.86 -5.05 24.61
N ASN A 301 -9.62 -6.13 24.72
CA ASN A 301 -9.19 -7.42 24.17
C ASN A 301 -9.58 -7.63 22.68
N ASN A 302 -9.05 -6.80 21.80
CA ASN A 302 -9.28 -6.92 20.35
C ASN A 302 -7.98 -7.37 19.71
N LYS A 303 -8.01 -8.49 18.99
CA LYS A 303 -6.83 -9.09 18.38
C LYS A 303 -6.56 -8.55 16.97
N TYR A 304 -6.07 -7.31 16.90
CA TYR A 304 -5.70 -6.69 15.63
C TYR A 304 -4.35 -7.25 15.17
N ARG A 305 -4.32 -7.66 13.91
CA ARG A 305 -3.16 -8.37 13.34
C ARG A 305 -2.86 -7.86 11.96
N THR A 306 -1.58 -7.77 11.62
CA THR A 306 -1.20 -7.50 10.25
C THR A 306 0.18 -8.09 9.88
N SER A 307 0.60 -7.83 8.65
CA SER A 307 1.86 -8.35 8.13
C SER A 307 3.08 -7.65 8.77
N PRO A 308 4.30 -8.23 8.62
CA PRO A 308 5.45 -7.73 9.38
C PRO A 308 6.04 -6.38 8.95
N PHE A 309 6.39 -5.57 9.95
CA PHE A 309 7.15 -4.36 9.72
C PHE A 309 7.88 -3.96 10.97
N ASN A 310 8.98 -3.25 10.81
CA ASN A 310 9.58 -2.51 11.92
C ASN A 310 8.79 -1.20 12.04
N LEU A 311 8.67 -0.71 13.28
CA LEU A 311 8.11 0.62 13.53
C LEU A 311 8.98 1.37 14.53
N PHE A 312 9.33 2.60 14.19
CA PHE A 312 9.99 3.47 15.11
C PHE A 312 9.05 4.61 15.51
N HIS A 313 8.53 5.34 14.54
CA HIS A 313 7.76 6.52 14.86
C HIS A 313 6.32 6.43 14.45
N HIS A 314 5.43 6.59 15.42
CA HIS A 314 4.07 7.02 15.15
C HIS A 314 4.11 8.45 14.68
N ILE A 315 3.26 8.80 13.72
CA ILE A 315 3.11 10.17 13.23
C ILE A 315 2.08 10.88 14.08
N ASN A 316 0.86 10.35 14.07
CA ASN A 316 -0.25 10.83 14.89
C ASN A 316 -1.34 9.78 14.94
N THR A 317 -2.16 9.84 15.97
CA THR A 317 -3.26 8.94 16.15
C THR A 317 -4.48 9.79 16.46
N TYR A 318 -5.67 9.40 15.98
CA TYR A 318 -6.89 10.13 16.35
C TYR A 318 -8.14 9.29 16.22
N GLU A 319 -9.26 9.83 16.73
CA GLU A 319 -10.53 9.14 16.77
C GLU A 319 -11.44 9.74 15.70
N ASP A 320 -12.08 8.86 14.91
CA ASP A 320 -13.05 9.31 13.90
C ASP A 320 -14.21 8.34 13.96
N HIS A 321 -15.35 8.81 14.46
CA HIS A 321 -16.52 7.98 14.73
C HIS A 321 -16.12 6.80 15.59
N GLU A 322 -16.42 5.56 15.29
CA GLU A 322 -15.95 4.55 16.26
C GLU A 322 -14.61 3.88 15.86
N PHE A 323 -13.71 4.65 15.26
CA PHE A 323 -12.49 4.10 14.64
C PHE A 323 -11.27 4.88 15.08
N LEU A 324 -10.17 4.17 15.31
CA LEU A 324 -8.88 4.83 15.50
C LEU A 324 -8.08 4.87 14.20
N ILE A 325 -7.65 6.08 13.84
CA ILE A 325 -6.79 6.30 12.69
C ILE A 325 -5.38 6.31 13.25
N VAL A 326 -4.52 5.42 12.74
CA VAL A 326 -3.17 5.21 13.24
C VAL A 326 -2.17 5.45 12.08
N ASP A 327 -1.49 6.59 12.06
CA ASP A 327 -0.52 6.88 11.00
C ASP A 327 0.91 6.53 11.47
N LEU A 328 1.61 5.75 10.67
CA LEU A 328 2.89 5.17 11.06
C LEU A 328 3.94 5.32 9.97
N CYS A 329 5.18 5.54 10.39
CA CYS A 329 6.34 5.40 9.53
C CYS A 329 6.80 3.97 9.66
N CYS A 330 6.56 3.14 8.65
CA CYS A 330 6.87 1.70 8.70
C CYS A 330 8.09 1.34 7.85
N TRP A 331 8.63 0.17 8.14
CA TRP A 331 9.72 -0.42 7.39
C TRP A 331 9.30 -1.85 7.06
N LYS A 332 9.06 -2.13 5.79
CA LYS A 332 8.45 -3.36 5.33
C LYS A 332 9.43 -4.53 5.42
N GLY A 333 9.17 -5.41 6.37
CA GLY A 333 10.02 -6.56 6.66
C GLY A 333 10.21 -6.82 8.12
N PHE A 334 10.83 -7.95 8.48
CA PHE A 334 11.04 -8.24 9.90
C PHE A 334 12.47 -8.13 10.37
N GLU A 335 13.46 -8.08 9.48
CA GLU A 335 14.84 -7.81 9.88
C GLU A 335 14.87 -6.45 10.59
N PHE A 336 15.68 -6.35 11.63
CA PHE A 336 15.81 -5.12 12.41
C PHE A 336 16.56 -4.04 11.62
N VAL A 337 15.87 -2.94 11.34
CA VAL A 337 16.46 -1.85 10.56
C VAL A 337 17.76 -1.38 11.18
N TYR A 338 17.90 -1.49 12.51
CA TYR A 338 19.12 -1.04 13.19
C TYR A 338 20.38 -1.82 12.80
N ASN A 339 20.23 -3.02 12.22
CA ASN A 339 21.38 -3.74 11.59
C ASN A 339 22.11 -2.93 10.49
N TYR A 340 21.44 -1.97 9.86
CA TYR A 340 22.02 -1.15 8.80
C TYR A 340 22.60 0.14 9.29
N LEU A 341 22.62 0.37 10.60
CA LEU A 341 23.05 1.65 11.17
C LEU A 341 24.36 1.65 12.01
N TYR A 342 25.20 0.63 11.82
CA TYR A 342 26.59 0.70 12.22
C TYR A 342 27.30 1.83 11.50
N LEU A 343 28.20 2.51 12.20
CA LEU A 343 28.92 3.70 11.69
C LEU A 343 29.82 3.37 10.51
N ALA A 344 30.49 2.23 10.57
CA ALA A 344 31.31 1.69 9.47
C ALA A 344 30.55 1.64 8.13
N ASN A 345 29.28 1.22 8.16
CA ASN A 345 28.42 1.21 6.98
C ASN A 345 28.00 2.61 6.57
N LEU A 346 27.56 3.44 7.52
CA LEU A 346 27.15 4.82 7.24
C LEU A 346 28.28 5.75 6.79
N ARG A 347 29.54 5.36 7.04
CA ARG A 347 30.72 6.10 6.58
C ARG A 347 31.32 5.59 5.26
N GLU A 348 30.77 4.52 4.70
CA GLU A 348 31.13 4.04 3.36
C GLU A 348 30.88 5.10 2.29
N ASN A 349 31.45 4.86 1.12
CA ASN A 349 31.22 5.72 -0.02
C ASN A 349 29.83 5.47 -0.59
N TRP A 350 29.34 6.43 -1.35
CA TRP A 350 27.95 6.51 -1.73
C TRP A 350 27.42 5.25 -2.43
N GLU A 351 28.18 4.79 -3.44
CA GLU A 351 27.82 3.54 -4.15
C GLU A 351 27.72 2.35 -3.21
N GLU A 352 28.59 2.29 -2.21
N GLU A 352 28.59 2.29 -2.21
CA GLU A 352 28.58 1.20 -1.25
CA GLU A 352 28.56 1.19 -1.24
C GLU A 352 27.43 1.33 -0.24
C GLU A 352 27.42 1.32 -0.23
N VAL A 353 27.11 2.57 0.17
CA VAL A 353 25.95 2.85 1.03
C VAL A 353 24.65 2.39 0.34
N LYS A 354 24.50 2.77 -0.93
CA LYS A 354 23.35 2.35 -1.69
C LYS A 354 23.27 0.83 -1.77
N LYS A 355 24.36 0.18 -2.19
CA LYS A 355 24.39 -1.27 -2.31
C LYS A 355 23.99 -1.95 -1.00
N ASN A 356 24.47 -1.44 0.15
CA ASN A 356 24.18 -2.04 1.46
C ASN A 356 22.73 -2.00 1.83
N ALA A 357 22.05 -0.94 1.43
CA ALA A 357 20.64 -0.79 1.74
C ALA A 357 19.67 -1.58 0.86
N ARG A 358 20.16 -2.20 -0.21
N ARG A 358 20.16 -2.20 -0.21
CA ARG A 358 19.30 -2.90 -1.18
CA ARG A 358 19.26 -2.85 -1.17
C ARG A 358 18.41 -3.97 -0.54
C ARG A 358 18.44 -4.04 -0.62
N LYS A 359 18.98 -4.76 0.36
CA LYS A 359 18.25 -5.84 1.03
C LYS A 359 17.54 -5.45 2.32
N ALA A 360 17.64 -4.17 2.68
CA ALA A 360 17.01 -3.64 3.87
C ALA A 360 15.49 -3.57 3.70
N PRO A 361 14.73 -3.59 4.82
CA PRO A 361 13.31 -3.29 4.74
C PRO A 361 13.04 -1.97 4.03
N GLN A 362 11.92 -1.89 3.32
CA GLN A 362 11.52 -0.66 2.56
C GLN A 362 10.67 0.30 3.40
N PRO A 363 11.04 1.59 3.46
CA PRO A 363 10.21 2.50 4.24
C PRO A 363 8.86 2.78 3.56
N GLU A 364 7.84 3.02 4.36
CA GLU A 364 6.53 3.34 3.83
C GLU A 364 5.69 4.00 4.90
N VAL A 365 5.04 5.11 4.55
CA VAL A 365 4.05 5.73 5.44
C VAL A 365 2.71 5.05 5.21
N ARG A 366 2.15 4.51 6.29
CA ARG A 366 0.90 3.76 6.25
C ARG A 366 -0.11 4.28 7.25
N ARG A 367 -1.38 4.22 6.86
CA ARG A 367 -2.51 4.54 7.71
C ARG A 367 -3.26 3.25 8.03
N TYR A 368 -3.32 2.87 9.30
CA TYR A 368 -4.17 1.77 9.73
C TYR A 368 -5.43 2.33 10.38
N VAL A 369 -6.52 1.58 10.26
CA VAL A 369 -7.81 2.00 10.82
C VAL A 369 -8.39 0.86 11.65
N LEU A 370 -8.57 1.14 12.92
CA LEU A 370 -8.84 0.14 13.93
C LEU A 370 -10.28 0.35 14.38
N PRO A 371 -11.18 -0.59 14.02
CA PRO A 371 -12.55 -0.45 14.52
C PRO A 371 -12.66 -0.73 16.03
N LEU A 372 -13.49 0.04 16.73
CA LEU A 372 -13.73 -0.17 18.16
C LEU A 372 -14.97 -1.01 18.44
N ASN A 373 -15.96 -0.93 17.57
CA ASN A 373 -17.16 -1.81 17.57
C ASN A 373 -17.05 -3.04 16.66
N ILE A 374 -16.76 -4.19 17.25
CA ILE A 374 -16.67 -5.45 16.54
C ILE A 374 -17.96 -6.24 16.78
N ASP A 375 -18.82 -6.33 15.76
CA ASP A 375 -19.99 -7.21 15.77
C ASP A 375 -19.67 -8.59 15.18
N LYS A 376 -19.99 -9.67 15.92
CA LYS A 376 -19.79 -11.05 15.42
C LYS A 376 -20.51 -11.36 14.12
N ALA A 377 -21.68 -10.74 13.93
CA ALA A 377 -22.46 -10.82 12.69
C ALA A 377 -21.71 -10.39 11.44
N ASP A 378 -20.70 -9.52 11.58
CA ASP A 378 -19.83 -9.11 10.45
C ASP A 378 -18.57 -9.97 10.22
N THR A 379 -18.52 -11.16 10.83
CA THR A 379 -17.43 -12.11 10.56
C THR A 379 -17.29 -12.37 9.06
N GLY A 380 -16.06 -12.20 8.56
CA GLY A 380 -15.75 -12.33 7.14
C GLY A 380 -15.73 -11.06 6.33
N LYS A 381 -16.18 -9.95 6.93
CA LYS A 381 -16.34 -8.68 6.24
C LYS A 381 -15.41 -7.57 6.71
N ASN A 382 -15.40 -6.50 5.93
CA ASN A 382 -14.59 -5.31 6.18
C ASN A 382 -15.34 -4.36 7.10
N LEU A 383 -14.84 -4.19 8.33
CA LEU A 383 -15.51 -3.36 9.33
C LEU A 383 -15.26 -1.89 9.14
N VAL A 384 -14.30 -1.51 8.29
CA VAL A 384 -13.93 -0.10 8.12
C VAL A 384 -14.88 0.56 7.14
N THR A 385 -16.00 0.99 7.68
CA THR A 385 -17.08 1.60 6.92
C THR A 385 -16.97 3.13 6.79
N LEU A 386 -15.87 3.74 7.23
CA LEU A 386 -15.61 5.16 6.98
C LEU A 386 -15.53 5.45 5.49
N PRO A 387 -15.94 6.64 5.07
CA PRO A 387 -16.05 6.94 3.65
C PRO A 387 -14.77 7.37 2.92
N ASN A 388 -13.74 7.82 3.65
CA ASN A 388 -12.55 8.40 3.00
C ASN A 388 -11.25 7.68 3.24
N THR A 389 -11.32 6.35 3.36
CA THR A 389 -10.12 5.53 3.48
C THR A 389 -10.25 4.25 2.68
N THR A 390 -9.10 3.69 2.33
CA THR A 390 -9.00 2.39 1.73
C THR A 390 -8.44 1.37 2.70
N ALA A 391 -8.06 1.80 3.91
CA ALA A 391 -7.69 0.84 4.94
C ALA A 391 -8.87 -0.10 5.23
N THR A 392 -8.55 -1.36 5.53
CA THR A 392 -9.55 -2.39 5.87
C THR A 392 -9.22 -3.11 7.17
N ALA A 393 -10.27 -3.70 7.74
CA ALA A 393 -10.16 -4.54 8.92
C ALA A 393 -11.20 -5.67 8.84
N ILE A 394 -10.69 -6.89 8.81
CA ILE A 394 -11.49 -8.05 8.50
C ILE A 394 -11.57 -8.95 9.71
N LEU A 395 -12.80 -9.17 10.15
CA LEU A 395 -13.06 -10.01 11.30
C LEU A 395 -13.09 -11.47 10.91
N CYS A 396 -12.10 -12.22 11.35
CA CYS A 396 -12.02 -13.66 11.13
C CYS A 396 -12.79 -14.44 12.21
N SER A 397 -12.99 -15.72 11.97
CA SER A 397 -13.74 -16.62 12.86
C SER A 397 -13.09 -16.83 14.21
N ASP A 398 -11.77 -16.90 14.23
CA ASP A 398 -11.05 -16.92 15.50
C ASP A 398 -11.01 -15.55 16.19
N GLU A 399 -11.79 -14.57 15.71
CA GLU A 399 -11.87 -13.22 16.32
C GLU A 399 -10.60 -12.35 16.19
N THR A 400 -9.64 -12.81 15.39
CA THR A 400 -8.58 -11.92 14.95
C THR A 400 -9.21 -10.92 13.97
N ILE A 401 -8.63 -9.73 13.92
CA ILE A 401 -9.08 -8.67 13.02
C ILE A 401 -7.89 -8.36 12.10
N TRP A 402 -7.92 -8.86 10.88
CA TRP A 402 -6.80 -8.71 9.97
C TRP A 402 -6.85 -7.32 9.34
N LEU A 403 -5.76 -6.56 9.41
CA LEU A 403 -5.73 -5.18 8.92
C LEU A 403 -4.90 -5.05 7.66
N GLU A 404 -5.40 -4.26 6.71
CA GLU A 404 -4.60 -3.79 5.57
C GLU A 404 -4.54 -2.28 5.69
N PRO A 405 -3.42 -1.68 5.29
CA PRO A 405 -3.25 -0.25 5.38
C PRO A 405 -3.71 0.50 4.14
N GLU A 406 -3.82 1.82 4.29
CA GLU A 406 -3.81 2.78 3.20
C GLU A 406 -2.41 3.37 3.16
N VAL A 407 -1.74 3.26 2.04
CA VAL A 407 -0.41 3.83 1.91
C VAL A 407 -0.52 5.32 1.64
N LEU A 408 0.14 6.12 2.47
CA LEU A 408 0.13 7.54 2.32
C LEU A 408 1.34 8.05 1.55
N PHE A 409 2.49 7.37 1.67
CA PHE A 409 3.68 7.75 0.91
C PHE A 409 4.59 6.57 0.78
N SER A 410 5.19 6.43 -0.42
CA SER A 410 6.07 5.30 -0.69
C SER A 410 7.04 5.66 -1.79
N GLY A 411 8.33 5.65 -1.47
CA GLY A 411 9.38 5.90 -2.47
C GLY A 411 10.52 4.91 -2.26
N PRO A 412 11.23 4.53 -3.33
CA PRO A 412 12.25 3.45 -3.22
C PRO A 412 13.50 3.82 -2.40
N ARG A 413 13.63 3.20 -1.22
CA ARG A 413 14.62 3.58 -0.21
C ARG A 413 14.59 5.08 0.14
N GLN A 414 13.41 5.68 0.02
CA GLN A 414 13.19 7.06 0.33
C GLN A 414 12.24 7.05 1.52
N ALA A 415 12.79 7.14 2.73
CA ALA A 415 11.98 7.16 3.95
C ALA A 415 11.54 8.57 4.30
N PHE A 416 10.23 8.73 4.51
CA PHE A 416 9.70 9.90 5.20
C PHE A 416 9.74 9.50 6.67
N GLU A 417 10.70 10.06 7.42
CA GLU A 417 10.99 9.62 8.80
C GLU A 417 11.08 10.80 9.73
N PHE A 418 11.30 10.51 11.02
CA PHE A 418 11.36 11.55 12.05
C PHE A 418 10.17 12.49 11.93
N PRO A 419 8.95 11.92 11.93
CA PRO A 419 7.81 12.77 11.63
C PRO A 419 7.50 13.76 12.74
N GLN A 420 6.93 14.87 12.33
CA GLN A 420 6.44 15.88 13.26
C GLN A 420 5.15 16.44 12.71
N ILE A 421 4.30 16.92 13.61
CA ILE A 421 3.06 17.62 13.24
C ILE A 421 2.97 18.90 14.07
N ASN A 422 1.95 19.71 13.85
CA ASN A 422 1.60 20.76 14.82
C ASN A 422 1.01 20.10 16.07
N TYR A 423 1.91 19.65 16.95
CA TYR A 423 1.55 18.74 18.03
C TYR A 423 0.63 19.35 19.10
N GLN A 424 0.90 20.58 19.52
CA GLN A 424 0.17 21.18 20.65
C GLN A 424 -1.31 21.37 20.40
N LYS A 425 -1.66 21.67 19.16
CA LYS A 425 -3.04 21.90 18.77
C LYS A 425 -3.66 20.66 18.07
N TYR A 426 -2.86 19.75 17.47
CA TYR A 426 -3.38 18.60 16.68
C TYR A 426 -2.97 17.17 17.13
N GLY A 427 -2.12 17.05 18.13
CA GLY A 427 -1.73 15.73 18.62
C GLY A 427 -2.93 15.01 19.20
N GLY A 428 -3.13 13.76 18.78
CA GLY A 428 -4.30 13.00 19.20
C GLY A 428 -5.60 13.41 18.52
N LYS A 429 -5.53 14.26 17.50
CA LYS A 429 -6.73 14.84 16.90
C LYS A 429 -6.70 14.80 15.38
N PRO A 430 -7.89 14.83 14.76
CA PRO A 430 -7.95 14.93 13.30
C PRO A 430 -7.01 16.00 12.74
N TYR A 431 -6.23 15.63 11.74
CA TYR A 431 -5.17 16.50 11.25
C TYR A 431 -4.95 16.27 9.78
N THR A 432 -4.20 17.16 9.15
CA THR A 432 -3.95 17.11 7.72
C THR A 432 -2.47 17.04 7.30
N TYR A 433 -1.57 17.59 8.12
CA TYR A 433 -0.19 17.79 7.68
C TYR A 433 0.79 17.11 8.61
N ALA A 434 1.77 16.41 8.01
CA ALA A 434 2.99 15.98 8.69
C ALA A 434 4.26 16.53 8.00
N TYR A 435 5.31 16.69 8.79
CA TYR A 435 6.62 17.09 8.28
C TYR A 435 7.57 15.92 8.62
N GLY A 436 8.63 15.78 7.84
CA GLY A 436 9.61 14.75 8.15
C GLY A 436 10.95 14.96 7.48
N LEU A 437 11.87 14.13 7.92
CA LEU A 437 13.20 14.08 7.33
C LEU A 437 13.22 12.96 6.29
N GLY A 438 13.63 13.32 5.07
CA GLY A 438 13.74 12.36 4.00
C GLY A 438 15.08 11.65 4.04
N LEU A 439 15.06 10.33 4.12
CA LEU A 439 16.27 9.52 4.07
C LEU A 439 16.37 8.84 2.71
N ASN A 440 17.61 8.79 2.21
CA ASN A 440 17.94 8.31 0.90
C ASN A 440 18.96 7.22 1.12
N HIS A 441 18.48 5.97 1.18
CA HIS A 441 19.34 4.84 1.59
C HIS A 441 19.96 5.19 2.92
N PHE A 442 19.09 5.59 3.87
CA PHE A 442 19.44 5.97 5.26
C PHE A 442 20.13 7.36 5.44
N VAL A 443 20.53 8.02 4.35
CA VAL A 443 21.24 9.29 4.44
C VAL A 443 20.23 10.45 4.40
N PRO A 444 20.24 11.28 5.45
CA PRO A 444 19.23 12.34 5.47
C PRO A 444 19.62 13.47 4.54
N ASP A 445 18.88 13.67 3.47
CA ASP A 445 19.26 14.64 2.46
C ASP A 445 18.16 15.61 2.02
N ARG A 446 17.03 15.67 2.74
CA ARG A 446 15.92 16.59 2.38
C ARG A 446 14.88 16.72 3.49
N LEU A 447 14.00 17.69 3.36
CA LEU A 447 12.89 17.86 4.26
C LEU A 447 11.60 17.78 3.50
N CYS A 448 10.58 17.14 4.10
CA CYS A 448 9.31 16.83 3.42
C CYS A 448 8.09 17.25 4.21
N LYS A 449 7.04 17.59 3.48
CA LYS A 449 5.71 17.80 4.03
C LYS A 449 4.74 16.88 3.29
N LEU A 450 3.81 16.29 4.02
CA LEU A 450 2.87 15.34 3.46
C LEU A 450 1.50 15.81 3.88
N ASN A 451 0.62 15.98 2.92
CA ASN A 451 -0.80 16.12 3.20
C ASN A 451 -1.39 14.72 3.34
N VAL A 452 -1.83 14.33 4.53
CA VAL A 452 -2.28 12.94 4.73
C VAL A 452 -3.69 12.65 4.13
N LYS A 453 -4.49 13.70 3.90
CA LYS A 453 -5.81 13.54 3.25
C LYS A 453 -5.65 13.38 1.72
N THR A 454 -4.90 14.26 1.08
CA THR A 454 -4.71 14.22 -0.38
C THR A 454 -3.51 13.44 -0.88
N LYS A 455 -2.54 13.16 -0.02
CA LYS A 455 -1.23 12.54 -0.38
C LYS A 455 -0.26 13.42 -1.18
N GLU A 456 -0.54 14.71 -1.28
CA GLU A 456 0.36 15.64 -1.95
C GLU A 456 1.61 15.82 -1.08
N THR A 457 2.76 16.02 -1.71
CA THR A 457 4.03 16.21 -1.00
C THR A 457 4.76 17.48 -1.43
N TRP A 458 5.59 18.02 -0.54
CA TRP A 458 6.49 19.12 -0.85
C TRP A 458 7.87 18.70 -0.42
N VAL A 459 8.89 19.15 -1.13
CA VAL A 459 10.28 18.84 -0.77
C VAL A 459 11.15 20.07 -0.71
N TRP A 460 12.06 20.08 0.25
CA TRP A 460 13.14 21.06 0.30
C TRP A 460 14.43 20.31 0.27
N GLN A 461 15.33 20.67 -0.64
CA GLN A 461 16.58 19.95 -0.85
C GLN A 461 17.61 20.83 -1.58
N GLU A 462 18.83 20.81 -1.07
CA GLU A 462 19.99 21.39 -1.75
C GLU A 462 21.10 20.36 -1.79
N PRO A 463 21.96 20.38 -2.84
CA PRO A 463 23.09 19.42 -2.96
C PRO A 463 24.07 19.46 -1.79
N ASP A 464 24.57 18.29 -1.38
CA ASP A 464 25.53 18.17 -0.27
C ASP A 464 25.06 18.84 1.02
N SER A 465 23.76 18.73 1.30
CA SER A 465 23.17 19.29 2.51
C SER A 465 22.39 18.21 3.23
N TYR A 466 22.69 18.05 4.53
CA TYR A 466 22.24 16.92 5.34
C TYR A 466 21.44 17.43 6.53
N PRO A 467 20.10 17.59 6.35
CA PRO A 467 19.25 18.14 7.40
C PRO A 467 18.91 17.17 8.50
N SER A 468 18.28 17.70 9.54
CA SER A 468 17.80 16.97 10.71
C SER A 468 16.28 17.00 10.71
N GLU A 469 15.70 16.31 11.68
CA GLU A 469 14.26 16.32 11.93
C GLU A 469 13.79 17.76 11.86
N PRO A 470 12.71 18.02 11.11
CA PRO A 470 12.12 19.34 11.11
C PRO A 470 11.23 19.48 12.33
N ILE A 471 11.27 20.63 13.01
CA ILE A 471 10.36 20.88 14.10
C ILE A 471 9.44 22.04 13.76
N PHE A 472 8.16 21.85 13.99
CA PHE A 472 7.13 22.85 13.68
C PHE A 472 6.94 23.87 14.79
N VAL A 473 6.82 25.14 14.40
CA VAL A 473 6.50 26.19 15.36
C VAL A 473 5.38 27.00 14.76
N SER A 474 4.27 27.07 15.48
CA SER A 474 3.11 27.83 15.04
C SER A 474 3.36 29.30 15.19
N HIS A 475 2.83 30.08 14.27
CA HIS A 475 2.66 31.48 14.55
C HIS A 475 1.74 31.52 15.79
N PRO A 476 2.09 32.32 16.83
CA PRO A 476 1.30 32.24 18.10
C PRO A 476 -0.22 32.51 17.96
N ASP A 477 -0.59 33.31 16.96
CA ASP A 477 -1.98 33.61 16.63
C ASP A 477 -2.55 32.87 15.41
N ALA A 478 -1.99 31.70 15.10
CA ALA A 478 -2.48 30.87 14.00
C ALA A 478 -3.84 30.25 14.31
N LEU A 479 -4.74 30.30 13.33
CA LEU A 479 -5.94 29.49 13.32
C LEU A 479 -5.80 28.28 12.41
N GLU A 480 -4.91 28.36 11.41
CA GLU A 480 -4.65 27.26 10.46
C GLU A 480 -3.59 26.25 10.95
N GLU A 481 -3.71 25.00 10.50
CA GLU A 481 -2.84 23.93 11.00
C GLU A 481 -1.37 24.13 10.64
N ASP A 482 -1.12 24.63 9.42
CA ASP A 482 0.24 24.80 8.91
C ASP A 482 0.68 26.27 8.82
N ASP A 483 0.16 27.11 9.70
CA ASP A 483 0.53 28.53 9.76
C ASP A 483 1.66 28.70 10.73
N GLY A 484 2.86 28.47 10.24
CA GLY A 484 4.05 28.65 11.08
C GLY A 484 5.32 28.42 10.30
N VAL A 485 6.33 27.92 10.99
CA VAL A 485 7.59 27.54 10.32
C VAL A 485 8.06 26.20 10.78
N VAL A 486 8.94 25.56 10.01
CA VAL A 486 9.71 24.43 10.53
C VAL A 486 11.19 24.84 10.66
N LEU A 487 11.83 24.31 11.69
CA LEU A 487 13.23 24.57 11.94
C LEU A 487 13.97 23.26 11.71
N SER A 488 15.11 23.32 11.04
CA SER A 488 15.96 22.15 10.85
C SER A 488 17.41 22.58 10.97
N VAL A 489 18.22 21.70 11.54
CA VAL A 489 19.67 21.87 11.59
C VAL A 489 20.32 21.13 10.41
N VAL A 490 21.00 21.89 9.54
CA VAL A 490 21.56 21.38 8.30
C VAL A 490 23.10 21.41 8.26
N VAL A 491 23.69 20.26 7.97
CA VAL A 491 25.13 20.11 7.87
C VAL A 491 25.45 20.28 6.40
N SER A 492 26.34 21.21 6.08
CA SER A 492 26.64 21.58 4.69
C SER A 492 28.14 21.61 4.42
N PRO A 493 28.80 20.42 4.39
CA PRO A 493 30.24 20.41 4.25
C PRO A 493 30.66 20.77 2.84
N GLY A 494 31.95 20.87 2.61
CA GLY A 494 32.46 21.22 1.28
C GLY A 494 32.42 22.72 1.08
N ALA A 495 33.57 23.26 0.71
CA ALA A 495 33.80 24.71 0.69
C ALA A 495 32.88 25.40 -0.30
N GLY A 496 32.72 26.71 -0.12
CA GLY A 496 31.64 27.48 -0.74
C GLY A 496 30.51 27.75 0.25
N GLN A 497 30.56 27.10 1.41
CA GLN A 497 29.60 27.31 2.50
C GLN A 497 30.31 27.21 3.82
N LYS A 498 29.65 27.61 4.90
CA LYS A 498 30.15 27.35 6.26
C LYS A 498 29.78 25.91 6.62
N PRO A 499 30.33 25.35 7.70
CA PRO A 499 30.09 23.92 7.96
C PRO A 499 28.62 23.48 8.21
N ALA A 500 27.80 24.37 8.76
CA ALA A 500 26.41 24.07 9.11
C ALA A 500 25.54 25.32 9.19
N TYR A 501 24.23 25.13 9.34
CA TYR A 501 23.30 26.24 9.51
C TYR A 501 21.96 25.80 10.07
N LEU A 502 21.29 26.73 10.73
CA LEU A 502 19.92 26.53 11.08
C LEU A 502 19.05 27.02 9.93
N LEU A 503 18.18 26.12 9.42
CA LEU A 503 17.25 26.42 8.34
C LEU A 503 15.87 26.77 8.91
N ILE A 504 15.24 27.80 8.34
CA ILE A 504 13.84 28.11 8.62
C ILE A 504 13.03 28.10 7.33
N LEU A 505 12.04 27.18 7.27
CA LEU A 505 11.17 27.08 6.14
C LEU A 505 9.79 27.55 6.56
N ASN A 506 9.07 28.12 5.62
CA ASN A 506 7.65 28.32 5.77
C ASN A 506 6.90 26.99 5.71
N ALA A 507 6.06 26.73 6.71
CA ALA A 507 5.35 25.44 6.80
C ALA A 507 4.32 25.20 5.68
N LYS A 508 3.79 26.26 5.08
CA LYS A 508 2.80 26.14 4.00
C LYS A 508 3.34 25.33 2.84
N ASP A 509 4.49 25.74 2.33
CA ASP A 509 5.03 25.22 1.08
C ASP A 509 6.51 24.83 1.14
N LEU A 510 7.09 24.80 2.33
CA LEU A 510 8.51 24.55 2.52
C LEU A 510 9.46 25.47 1.73
N SER A 511 9.04 26.70 1.47
CA SER A 511 9.96 27.66 0.87
C SER A 511 10.84 28.24 1.96
N GLU A 512 12.11 28.52 1.63
CA GLU A 512 13.08 29.03 2.60
C GLU A 512 12.70 30.44 3.06
N VAL A 513 12.74 30.66 4.36
CA VAL A 513 12.50 31.98 4.96
C VAL A 513 13.81 32.63 5.37
N ALA A 514 14.70 31.82 5.95
CA ALA A 514 16.00 32.31 6.38
C ALA A 514 16.92 31.13 6.66
N ARG A 515 18.20 31.43 6.76
CA ARG A 515 19.12 30.52 7.41
C ARG A 515 20.12 31.28 8.22
N ALA A 516 20.66 30.60 9.22
CA ALA A 516 21.56 31.18 10.20
C ALA A 516 22.78 30.26 10.28
N GLU A 517 23.88 30.70 9.64
CA GLU A 517 25.08 29.88 9.49
C GLU A 517 25.99 29.94 10.71
N VAL A 518 26.64 28.82 11.02
CA VAL A 518 27.66 28.78 12.08
C VAL A 518 28.98 28.27 11.51
N GLU A 519 30.09 28.59 12.19
CA GLU A 519 31.44 28.36 11.65
C GLU A 519 32.08 27.06 12.13
N ILE A 520 31.33 26.20 12.81
CA ILE A 520 31.83 24.89 13.23
C ILE A 520 30.90 23.77 12.73
N ASN A 521 31.44 22.55 12.64
CA ASN A 521 30.64 21.41 12.25
C ASN A 521 29.61 21.06 13.36
N ILE A 522 28.51 20.44 12.94
CA ILE A 522 27.51 19.87 13.84
C ILE A 522 27.32 18.42 13.40
N PRO A 523 27.32 17.46 14.34
CA PRO A 523 27.00 16.09 13.94
C PRO A 523 25.50 15.81 13.83
N VAL A 524 25.19 14.58 13.45
CA VAL A 524 23.83 14.10 13.40
C VAL A 524 23.15 14.41 14.73
N THR A 525 21.88 14.84 14.65
CA THR A 525 20.99 14.92 15.82
C THR A 525 19.71 14.15 15.51
N PHE A 526 19.05 13.66 16.55
CA PHE A 526 17.88 12.82 16.42
C PHE A 526 16.59 13.57 16.65
N HIS A 527 16.37 13.98 17.90
CA HIS A 527 15.11 14.61 18.29
C HIS A 527 15.33 15.80 19.15
N GLY A 528 14.27 16.58 19.28
CA GLY A 528 14.31 17.78 20.09
C GLY A 528 12.97 18.45 20.28
N LEU A 529 13.03 19.73 20.62
CA LEU A 529 11.84 20.53 20.83
C LEU A 529 12.17 21.97 20.67
N PHE A 530 11.14 22.78 20.44
CA PHE A 530 11.22 24.22 20.56
C PHE A 530 10.64 24.61 21.92
N LYS A 531 11.40 25.38 22.68
CA LYS A 531 10.99 25.86 23.99
C LYS A 531 10.73 27.33 23.80
N LYS A 532 9.47 27.72 23.90
CA LYS A 532 9.06 29.11 23.75
C LYS A 532 9.41 29.93 24.98
N SER A 533 9.67 31.21 24.73
CA SER A 533 9.82 32.19 25.79
C SER A 533 9.31 33.56 25.30
C ACE B 1 -9.72 8.13 -9.92
O ACE B 1 -10.39 7.22 -10.33
CH3 ACE B 1 -8.38 8.47 -10.54
N SER B 2 -10.11 8.91 -8.92
CA SER B 2 -11.43 8.74 -8.27
C SER B 2 -12.53 9.49 -9.03
N SER B 3 -13.77 9.10 -8.75
CA SER B 3 -14.96 9.79 -9.22
C SER B 3 -15.15 11.09 -8.43
N GLN B 4 -15.75 12.08 -9.10
CA GLN B 4 -16.11 13.36 -8.47
C GLN B 4 -17.61 13.62 -8.59
N VAL B 5 -18.38 12.54 -8.69
CA VAL B 5 -19.76 12.60 -9.09
C VAL B 5 -20.58 11.62 -8.22
N GLU B 6 -21.77 12.07 -7.81
CA GLU B 6 -22.79 11.21 -7.19
C GLU B 6 -23.83 10.87 -8.26
N HIS B 7 -24.71 9.92 -7.94
CA HIS B 7 -25.71 9.40 -8.91
C HIS B 7 -27.13 9.28 -8.32
N PRO B 8 -27.61 10.34 -7.64
CA PRO B 8 -28.95 10.27 -7.02
C PRO B 8 -30.07 9.93 -8.01
N ALA B 9 -29.94 10.39 -9.25
CA ALA B 9 -30.93 10.13 -10.30
C ALA B 9 -31.10 8.66 -10.67
N GLY B 10 -30.13 7.79 -10.36
CA GLY B 10 -30.27 6.33 -10.57
C GLY B 10 -30.18 5.84 -12.02
N GLY B 11 -29.54 6.62 -12.88
CA GLY B 11 -29.41 6.28 -14.30
C GLY B 11 -28.70 4.97 -14.60
N TYR B 12 -27.75 4.62 -13.74
CA TYR B 12 -27.08 3.33 -13.78
C TYR B 12 -28.00 2.10 -13.88
N LYS B 13 -29.27 2.24 -13.50
CA LYS B 13 -30.23 1.12 -13.59
C LYS B 13 -30.48 0.73 -15.03
N LYS B 14 -30.26 1.63 -15.97
CA LYS B 14 -30.36 1.30 -17.38
C LYS B 14 -29.30 0.29 -17.87
N LEU B 15 -28.21 0.12 -17.11
CA LEU B 15 -27.22 -0.90 -17.44
C LEU B 15 -27.78 -2.31 -17.31
N PHE B 16 -28.79 -2.49 -16.46
CA PHE B 16 -29.35 -3.82 -16.15
C PHE B 16 -30.79 -4.00 -16.63
N GLU B 17 -31.14 -3.31 -17.71
CA GLU B 17 -32.47 -3.33 -18.28
C GLU B 17 -32.40 -4.05 -19.60
N THR B 18 -33.31 -5.00 -19.81
CA THR B 18 -33.40 -5.76 -21.06
C THR B 18 -33.48 -4.86 -22.31
N VAL B 19 -32.96 -5.36 -23.42
CA VAL B 19 -33.09 -4.70 -24.73
C VAL B 19 -33.35 -5.72 -25.83
N GLU B 20 -33.80 -5.19 -26.97
CA GLU B 20 -34.02 -5.99 -28.16
C GLU B 20 -32.78 -5.99 -29.04
N GLU B 21 -32.53 -7.09 -29.74
CA GLU B 21 -31.53 -7.06 -30.83
C GLU B 21 -32.01 -6.25 -32.02
N LEU B 22 -31.08 -5.90 -32.89
CA LEU B 22 -31.40 -5.26 -34.16
C LEU B 22 -31.37 -6.30 -35.27
N SER B 23 -32.14 -6.09 -36.33
CA SER B 23 -32.07 -6.96 -37.51
C SER B 23 -31.01 -6.51 -38.51
N SER B 24 -30.53 -5.28 -38.40
CA SER B 24 -29.35 -4.81 -39.15
C SER B 24 -28.80 -3.49 -38.57
N PRO B 25 -27.55 -3.10 -38.94
CA PRO B 25 -26.88 -1.92 -38.37
C PRO B 25 -27.65 -0.60 -38.37
N LEU B 26 -27.50 0.19 -37.29
CA LEU B 26 -27.92 1.58 -37.22
C LEU B 26 -26.76 2.51 -37.47
N THR B 27 -27.05 3.69 -37.98
CA THR B 27 -26.06 4.74 -38.04
C THR B 27 -25.94 5.40 -36.70
N ALA B 28 -24.70 5.64 -36.29
CA ALA B 28 -24.40 6.41 -35.09
C ALA B 28 -24.08 7.83 -35.51
N HIS B 29 -24.83 8.82 -34.98
N HIS B 29 -24.71 8.79 -34.86
CA HIS B 29 -24.57 10.24 -35.29
CA HIS B 29 -24.59 10.16 -35.22
C HIS B 29 -23.30 10.69 -34.56
C HIS B 29 -23.31 10.73 -34.54
N VAL B 30 -22.29 11.06 -35.34
CA VAL B 30 -20.98 11.55 -34.84
C VAL B 30 -20.98 13.02 -34.52
N THR B 31 -20.42 13.40 -33.36
CA THR B 31 -19.90 14.76 -33.14
C THR B 31 -18.41 14.68 -32.78
N GLY B 32 -17.64 15.69 -33.21
CA GLY B 32 -16.18 15.61 -33.24
C GLY B 32 -15.74 14.85 -34.47
N ARG B 33 -14.51 14.38 -34.49
CA ARG B 33 -13.96 13.67 -35.64
C ARG B 33 -13.45 12.25 -35.29
N ILE B 34 -14.14 11.25 -35.81
CA ILE B 34 -13.68 9.87 -35.78
C ILE B 34 -12.39 9.80 -36.58
N PRO B 35 -11.27 9.31 -35.99
CA PRO B 35 -10.01 9.29 -36.75
C PRO B 35 -10.09 8.48 -38.01
N LEU B 36 -9.43 8.95 -39.06
CA LEU B 36 -9.61 8.35 -40.38
C LEU B 36 -8.85 7.04 -40.52
N TRP B 37 -7.78 6.90 -39.74
CA TRP B 37 -7.04 5.63 -39.60
C TRP B 37 -7.74 4.52 -38.81
N LEU B 38 -8.86 4.83 -38.18
CA LEU B 38 -9.61 3.85 -37.40
C LEU B 38 -10.55 3.03 -38.29
N THR B 39 -10.09 1.83 -38.66
CA THR B 39 -10.84 0.96 -39.58
C THR B 39 -10.97 -0.47 -39.04
N GLY B 40 -12.19 -0.85 -38.68
CA GLY B 40 -12.40 -2.13 -38.05
C GLY B 40 -13.65 -2.12 -37.21
N SER B 41 -13.72 -3.08 -36.28
CA SER B 41 -14.92 -3.35 -35.48
C SER B 41 -14.59 -3.40 -34.00
N LEU B 42 -15.31 -2.67 -33.16
CA LEU B 42 -15.23 -2.88 -31.72
C LEU B 42 -16.26 -3.96 -31.40
N LEU B 43 -15.81 -5.13 -30.94
CA LEU B 43 -16.70 -6.23 -30.58
C LEU B 43 -16.75 -6.38 -29.06
N ARG B 44 -17.94 -6.42 -28.46
CA ARG B 44 -18.09 -6.51 -27.00
C ARG B 44 -19.23 -7.42 -26.62
N CYS B 45 -19.08 -8.09 -25.48
CA CYS B 45 -20.11 -8.98 -24.93
C CYS B 45 -20.67 -8.46 -23.60
N GLY B 46 -21.89 -8.86 -23.32
CA GLY B 46 -22.57 -8.46 -22.09
C GLY B 46 -23.93 -9.14 -22.02
N PRO B 47 -24.57 -9.11 -20.84
CA PRO B 47 -25.96 -9.56 -20.78
C PRO B 47 -26.89 -8.57 -21.49
N GLY B 48 -27.90 -9.09 -22.18
CA GLY B 48 -28.94 -8.26 -22.79
C GLY B 48 -30.37 -8.59 -22.39
N LEU B 49 -30.60 -9.77 -21.82
CA LEU B 49 -31.95 -10.21 -21.42
C LEU B 49 -31.91 -10.61 -19.95
N PHE B 50 -32.55 -9.83 -19.09
CA PHE B 50 -32.42 -9.99 -17.64
C PHE B 50 -33.57 -10.72 -16.96
N GLU B 51 -34.51 -11.17 -17.79
CA GLU B 51 -35.60 -12.05 -17.36
C GLU B 51 -36.12 -12.83 -18.55
N VAL B 52 -36.64 -14.03 -18.29
CA VAL B 52 -37.34 -14.83 -19.31
C VAL B 52 -38.82 -14.81 -18.95
N GLY B 53 -39.54 -13.89 -19.59
CA GLY B 53 -40.92 -13.62 -19.25
C GLY B 53 -41.04 -13.00 -17.86
N SER B 54 -41.55 -13.80 -16.93
CA SER B 54 -41.74 -13.39 -15.55
C SER B 54 -40.73 -14.04 -14.59
N GLU B 55 -39.95 -15.02 -15.07
CA GLU B 55 -38.81 -15.59 -14.32
C GLU B 55 -37.58 -14.67 -14.46
N PRO B 56 -37.09 -14.10 -13.33
CA PRO B 56 -35.99 -13.14 -13.42
C PRO B 56 -34.61 -13.79 -13.24
N PHE B 57 -33.59 -13.17 -13.85
CA PHE B 57 -32.21 -13.49 -13.50
C PHE B 57 -31.84 -12.63 -12.28
N TYR B 58 -31.09 -13.23 -11.35
CA TYR B 58 -30.76 -12.58 -10.06
C TYR B 58 -29.39 -11.88 -10.01
N HIS B 59 -28.39 -12.46 -10.70
CA HIS B 59 -27.00 -11.97 -10.66
C HIS B 59 -26.57 -11.25 -11.92
N LEU B 60 -25.59 -10.37 -11.76
CA LEU B 60 -25.00 -9.62 -12.87
C LEU B 60 -24.49 -10.48 -14.04
N PHE B 61 -24.07 -11.71 -13.74
CA PHE B 61 -23.46 -12.61 -14.71
C PHE B 61 -24.45 -13.67 -15.23
N ASP B 62 -25.76 -13.44 -15.03
CA ASP B 62 -26.80 -14.39 -15.44
C ASP B 62 -27.54 -14.02 -16.73
N GLY B 63 -27.65 -12.73 -17.02
CA GLY B 63 -28.36 -12.28 -18.23
C GLY B 63 -27.85 -12.88 -19.52
N GLN B 64 -28.75 -13.11 -20.47
CA GLN B 64 -28.36 -13.81 -21.69
C GLN B 64 -27.42 -12.99 -22.59
N ALA B 65 -26.37 -13.65 -23.04
CA ALA B 65 -25.31 -13.03 -23.82
C ALA B 65 -25.79 -12.27 -25.03
N LEU B 66 -25.23 -11.07 -25.19
CA LEU B 66 -25.52 -10.16 -26.27
C LEU B 66 -24.18 -9.70 -26.91
N LEU B 67 -24.03 -9.91 -28.20
CA LEU B 67 -22.82 -9.54 -28.91
C LEU B 67 -23.02 -8.22 -29.61
N HIS B 68 -22.18 -7.23 -29.30
CA HIS B 68 -22.27 -5.86 -29.82
C HIS B 68 -21.14 -5.54 -30.80
N LYS B 69 -21.43 -4.68 -31.78
CA LYS B 69 -20.42 -4.29 -32.77
C LYS B 69 -20.58 -2.85 -33.20
N PHE B 70 -19.52 -2.06 -33.02
CA PHE B 70 -19.39 -0.74 -33.63
C PHE B 70 -18.38 -0.82 -34.76
N ASP B 71 -18.77 -0.43 -35.98
CA ASP B 71 -17.86 -0.44 -37.14
C ASP B 71 -17.42 0.95 -37.46
N PHE B 72 -16.16 1.07 -37.88
CA PHE B 72 -15.53 2.33 -38.16
C PHE B 72 -14.93 2.27 -39.55
N LYS B 73 -15.32 3.22 -40.40
CA LYS B 73 -14.72 3.38 -41.70
C LYS B 73 -14.88 4.79 -42.16
N GLU B 74 -13.77 5.41 -42.59
CA GLU B 74 -13.75 6.76 -43.19
C GLU B 74 -14.49 7.83 -42.37
N GLY B 75 -14.33 7.76 -41.06
CA GLY B 75 -14.95 8.70 -40.14
C GLY B 75 -16.44 8.55 -39.93
N HIS B 76 -16.98 7.38 -40.24
CA HIS B 76 -18.41 7.07 -40.12
C HIS B 76 -18.54 5.81 -39.29
N VAL B 77 -19.65 5.66 -38.58
CA VAL B 77 -19.83 4.62 -37.57
C VAL B 77 -21.21 3.97 -37.66
N THR B 78 -21.23 2.65 -37.47
CA THR B 78 -22.48 1.93 -37.32
C THR B 78 -22.48 1.14 -36.01
N TYR B 79 -23.67 0.79 -35.55
CA TYR B 79 -23.84 -0.05 -34.36
C TYR B 79 -24.79 -1.20 -34.67
N HIS B 80 -24.44 -2.38 -34.19
CA HIS B 80 -25.23 -3.58 -34.44
C HIS B 80 -25.11 -4.51 -33.23
N ARG B 81 -26.15 -5.30 -32.99
CA ARG B 81 -26.12 -6.26 -31.90
C ARG B 81 -27.10 -7.39 -32.16
N ARG B 82 -26.70 -8.59 -31.75
CA ARG B 82 -27.51 -9.81 -31.84
C ARG B 82 -27.29 -10.62 -30.60
N PHE B 83 -28.34 -11.26 -30.10
CA PHE B 83 -28.20 -12.27 -29.07
C PHE B 83 -27.42 -13.48 -29.61
N ILE B 84 -26.65 -14.12 -28.75
CA ILE B 84 -25.89 -15.30 -29.15
C ILE B 84 -26.81 -16.50 -28.98
N ARG B 85 -27.00 -17.28 -30.04
CA ARG B 85 -27.88 -18.46 -29.97
C ARG B 85 -27.17 -19.63 -29.28
N THR B 86 -27.04 -19.49 -27.98
CA THR B 86 -26.47 -20.51 -27.12
C THR B 86 -27.56 -21.52 -26.81
N ASP B 87 -27.20 -22.65 -26.22
CA ASP B 87 -28.22 -23.57 -25.68
C ASP B 87 -29.14 -22.86 -24.70
N ALA B 88 -28.52 -22.22 -23.70
CA ALA B 88 -29.24 -21.47 -22.67
C ALA B 88 -30.27 -20.50 -23.24
N TYR B 89 -29.90 -19.78 -24.31
CA TYR B 89 -30.78 -18.81 -24.91
C TYR B 89 -31.87 -19.45 -25.75
N VAL B 90 -31.45 -20.36 -26.63
CA VAL B 90 -32.34 -21.08 -27.54
C VAL B 90 -33.41 -21.84 -26.76
N ARG B 91 -32.99 -22.61 -25.78
CA ARG B 91 -33.89 -23.43 -24.99
C ARG B 91 -34.83 -22.61 -24.11
N ALA B 92 -34.39 -21.42 -23.73
CA ALA B 92 -35.23 -20.49 -23.00
C ALA B 92 -36.30 -19.92 -23.90
N MET B 93 -35.95 -19.54 -25.15
CA MET B 93 -36.96 -19.09 -26.12
C MET B 93 -37.92 -20.23 -26.50
N THR B 94 -37.39 -21.43 -26.65
CA THR B 94 -38.19 -22.61 -26.96
C THR B 94 -39.22 -22.82 -25.85
N GLU B 95 -38.74 -23.03 -24.63
CA GLU B 95 -39.59 -23.39 -23.50
C GLU B 95 -40.22 -22.20 -22.75
N LYS B 96 -40.02 -20.97 -23.23
CA LYS B 96 -40.52 -19.73 -22.58
C LYS B 96 -40.30 -19.60 -21.06
N ARG B 97 -39.16 -20.11 -20.58
CA ARG B 97 -38.79 -20.11 -19.17
C ARG B 97 -37.24 -20.21 -19.06
N ILE B 98 -36.69 -20.08 -17.86
CA ILE B 98 -35.25 -20.26 -17.62
C ILE B 98 -34.97 -21.77 -17.55
N VAL B 99 -34.18 -22.29 -18.48
CA VAL B 99 -33.97 -23.72 -18.55
C VAL B 99 -32.65 -24.14 -17.95
N ILE B 100 -31.56 -23.47 -18.31
CA ILE B 100 -30.22 -23.79 -17.78
C ILE B 100 -29.94 -22.92 -16.55
N THR B 101 -29.35 -23.51 -15.51
CA THR B 101 -28.90 -22.78 -14.33
C THR B 101 -27.73 -21.83 -14.70
N GLU B 102 -27.95 -20.53 -14.52
CA GLU B 102 -26.87 -19.54 -14.66
C GLU B 102 -26.13 -19.36 -13.33
N PHE B 103 -25.01 -18.66 -13.43
CA PHE B 103 -24.11 -18.42 -12.30
C PHE B 103 -24.73 -18.21 -10.92
N GLY B 104 -25.73 -17.33 -10.84
CA GLY B 104 -26.51 -17.13 -9.63
C GLY B 104 -28.01 -17.16 -9.80
N THR B 105 -28.52 -18.03 -10.69
CA THR B 105 -29.96 -18.19 -10.91
C THR B 105 -30.17 -19.65 -11.22
N CYS B 106 -30.78 -20.34 -10.27
CA CYS B 106 -31.09 -21.76 -10.42
C CYS B 106 -32.35 -21.92 -11.27
N ALA B 107 -32.28 -22.75 -12.29
CA ALA B 107 -33.46 -23.06 -13.13
C ALA B 107 -34.20 -24.23 -12.51
N PHE B 108 -35.53 -24.17 -12.44
CA PHE B 108 -36.29 -25.27 -11.84
C PHE B 108 -36.77 -26.26 -12.93
N PRO B 109 -36.94 -27.58 -12.58
CA PRO B 109 -37.44 -28.56 -13.57
C PRO B 109 -38.98 -28.60 -13.67
N GLU B 127 -25.84 -30.26 -16.21
CA GLU B 127 -26.08 -29.45 -17.43
C GLU B 127 -25.53 -27.97 -17.41
N VAL B 128 -24.28 -27.81 -17.87
CA VAL B 128 -23.49 -26.59 -17.64
C VAL B 128 -23.87 -25.45 -18.63
N THR B 129 -23.96 -24.23 -18.13
CA THR B 129 -24.29 -23.07 -18.99
C THR B 129 -23.18 -22.77 -20.01
N ASP B 130 -23.64 -22.30 -21.18
CA ASP B 130 -22.77 -21.86 -22.25
C ASP B 130 -23.09 -20.42 -22.62
N ASN B 131 -23.66 -19.67 -21.65
CA ASN B 131 -24.07 -18.27 -21.83
C ASN B 131 -22.82 -17.37 -21.95
N ALA B 132 -22.45 -17.03 -23.20
CA ALA B 132 -21.14 -16.45 -23.51
C ALA B 132 -21.12 -14.94 -23.39
N LEU B 133 -21.39 -14.46 -22.19
CA LEU B 133 -21.71 -13.07 -21.93
C LEU B 133 -20.51 -12.20 -21.60
N VAL B 134 -19.34 -12.82 -21.40
CA VAL B 134 -18.18 -12.16 -20.78
C VAL B 134 -17.20 -11.56 -21.80
N ASN B 135 -16.74 -12.33 -22.76
CA ASN B 135 -15.70 -11.84 -23.66
C ASN B 135 -15.73 -12.56 -25.03
N ILE B 136 -14.95 -12.04 -25.95
CA ILE B 136 -14.80 -12.58 -27.29
C ILE B 136 -13.30 -12.57 -27.65
N TYR B 137 -12.82 -13.63 -28.31
CA TYR B 137 -11.39 -13.69 -28.69
C TYR B 137 -11.07 -14.53 -29.94
N PRO B 138 -9.94 -14.24 -30.59
CA PRO B 138 -9.55 -15.00 -31.76
C PRO B 138 -8.79 -16.30 -31.47
N VAL B 139 -9.16 -17.36 -32.18
CA VAL B 139 -8.36 -18.58 -32.34
C VAL B 139 -8.27 -18.89 -33.83
N GLY B 140 -7.07 -18.98 -34.39
CA GLY B 140 -6.92 -19.12 -35.84
C GLY B 140 -7.64 -17.96 -36.55
N GLU B 141 -8.44 -18.30 -37.57
CA GLU B 141 -9.27 -17.32 -38.29
C GLU B 141 -10.67 -17.16 -37.70
N ASP B 142 -10.96 -17.81 -36.57
CA ASP B 142 -12.28 -17.76 -35.93
C ASP B 142 -12.30 -16.85 -34.70
N TYR B 143 -13.52 -16.47 -34.28
CA TYR B 143 -13.75 -15.71 -33.07
C TYR B 143 -14.68 -16.50 -32.18
N TYR B 144 -14.41 -16.51 -30.88
CA TYR B 144 -15.25 -17.20 -29.92
C TYR B 144 -15.69 -16.23 -28.84
N ALA B 145 -17.00 -16.18 -28.60
CA ALA B 145 -17.58 -15.64 -27.40
C ALA B 145 -17.40 -16.66 -26.29
N CYS B 146 -17.21 -16.19 -25.06
CA CYS B 146 -17.04 -17.09 -23.94
C CYS B 146 -17.65 -16.60 -22.65
N THR B 147 -17.83 -17.55 -21.74
CA THR B 147 -17.98 -17.28 -20.32
C THR B 147 -16.77 -17.97 -19.66
N GLU B 148 -16.94 -18.61 -18.52
CA GLU B 148 -15.82 -19.25 -17.81
C GLU B 148 -15.99 -20.76 -17.71
N THR B 149 -16.94 -21.30 -18.47
CA THR B 149 -17.24 -22.74 -18.47
C THR B 149 -16.43 -23.47 -19.55
N ASN B 150 -16.73 -24.76 -19.70
CA ASN B 150 -16.16 -25.61 -20.76
C ASN B 150 -16.71 -25.35 -22.21
N PHE B 151 -17.80 -24.61 -22.32
CA PHE B 151 -18.39 -24.28 -23.61
C PHE B 151 -18.04 -22.86 -24.06
N ILE B 152 -17.41 -22.78 -25.23
CA ILE B 152 -17.21 -21.49 -25.92
C ILE B 152 -17.98 -21.54 -27.22
N THR B 153 -18.36 -20.38 -27.74
CA THR B 153 -19.30 -20.28 -28.86
C THR B 153 -18.65 -19.52 -30.01
N LYS B 154 -18.37 -20.23 -31.09
CA LYS B 154 -17.89 -19.61 -32.32
C LYS B 154 -18.95 -18.65 -32.88
N VAL B 155 -18.54 -17.43 -33.19
CA VAL B 155 -19.44 -16.43 -33.77
C VAL B 155 -18.84 -15.80 -35.01
N ASN B 156 -19.71 -15.29 -35.87
CA ASN B 156 -19.31 -14.59 -37.09
C ASN B 156 -19.15 -13.11 -36.75
N PRO B 157 -17.92 -12.57 -36.88
CA PRO B 157 -17.67 -11.19 -36.45
C PRO B 157 -18.25 -10.10 -37.34
N GLU B 158 -18.68 -10.44 -38.55
CA GLU B 158 -19.28 -9.45 -39.46
C GLU B 158 -20.80 -9.39 -39.38
N THR B 159 -21.44 -10.55 -39.24
CA THR B 159 -22.91 -10.64 -39.16
C THR B 159 -23.42 -10.81 -37.74
N LEU B 160 -22.51 -11.14 -36.81
CA LEU B 160 -22.86 -11.46 -35.44
C LEU B 160 -23.73 -12.72 -35.34
N GLU B 161 -23.66 -13.60 -36.34
CA GLU B 161 -24.43 -14.84 -36.28
C GLU B 161 -23.70 -15.86 -35.45
N THR B 162 -24.45 -16.72 -34.79
CA THR B 162 -23.90 -17.78 -33.98
C THR B 162 -23.58 -18.96 -34.89
N ILE B 163 -22.39 -19.51 -34.76
CA ILE B 163 -21.95 -20.53 -35.69
C ILE B 163 -22.00 -21.90 -35.04
N LYS B 164 -21.35 -22.06 -33.89
CA LYS B 164 -21.30 -23.38 -33.26
C LYS B 164 -20.91 -23.28 -31.81
N GLN B 165 -21.36 -24.26 -31.02
CA GLN B 165 -20.88 -24.50 -29.66
C GLN B 165 -19.67 -25.43 -29.71
N VAL B 166 -18.66 -25.14 -28.91
CA VAL B 166 -17.45 -25.99 -28.80
C VAL B 166 -17.28 -26.38 -27.36
N ASP B 167 -17.12 -27.66 -27.10
CA ASP B 167 -16.92 -28.18 -25.75
C ASP B 167 -15.42 -28.40 -25.63
N LEU B 168 -14.78 -27.67 -24.72
CA LEU B 168 -13.33 -27.79 -24.55
C LEU B 168 -12.93 -29.14 -23.98
N CYS B 169 -13.82 -29.81 -23.26
CA CYS B 169 -13.54 -31.17 -22.75
C CYS B 169 -13.38 -32.24 -23.83
N ASN B 170 -13.95 -31.99 -25.01
CA ASN B 170 -13.69 -32.84 -26.15
C ASN B 170 -12.22 -32.85 -26.55
N TYR B 171 -11.46 -31.80 -26.20
CA TYR B 171 -10.08 -31.63 -26.66
C TYR B 171 -8.98 -31.68 -25.59
N VAL B 172 -9.27 -31.27 -24.36
CA VAL B 172 -8.23 -31.11 -23.33
C VAL B 172 -8.86 -31.27 -21.99
N SER B 173 -8.03 -31.61 -21.02
CA SER B 173 -8.49 -32.00 -19.70
C SER B 173 -8.62 -30.78 -18.76
N VAL B 174 -9.71 -30.03 -18.93
CA VAL B 174 -10.10 -28.94 -18.02
C VAL B 174 -11.62 -28.92 -17.87
N ASN B 175 -12.09 -28.51 -16.69
CA ASN B 175 -13.53 -28.34 -16.43
C ASN B 175 -14.09 -26.98 -16.85
N GLY B 176 -13.20 -26.01 -17.08
CA GLY B 176 -13.58 -24.70 -17.54
C GLY B 176 -12.35 -23.97 -17.98
N ALA B 177 -12.51 -22.80 -18.55
CA ALA B 177 -11.38 -21.94 -18.87
C ALA B 177 -11.81 -20.47 -18.67
N THR B 178 -10.86 -19.60 -18.38
CA THR B 178 -11.18 -18.20 -18.10
C THR B 178 -11.65 -17.51 -19.37
N ALA B 179 -12.31 -16.36 -19.16
CA ALA B 179 -12.63 -15.47 -20.27
C ALA B 179 -11.44 -14.58 -20.65
N HIS B 180 -10.23 -14.88 -20.16
CA HIS B 180 -9.07 -14.02 -20.33
C HIS B 180 -7.85 -14.76 -20.85
N PRO B 181 -8.00 -15.45 -22.00
CA PRO B 181 -6.80 -16.09 -22.57
C PRO B 181 -5.81 -15.01 -22.99
N HIS B 182 -4.52 -15.30 -22.86
CA HIS B 182 -3.48 -14.48 -23.47
C HIS B 182 -3.28 -14.89 -24.94
N ILE B 183 -2.94 -13.93 -25.78
CA ILE B 183 -2.85 -14.13 -27.21
C ILE B 183 -1.53 -13.54 -27.68
N GLU B 184 -0.56 -14.40 -27.94
CA GLU B 184 0.71 -13.96 -28.52
C GLU B 184 0.49 -13.44 -29.95
N ASN B 185 1.46 -12.66 -30.48
CA ASN B 185 1.31 -12.02 -31.81
C ASN B 185 1.20 -12.97 -33.01
N ASP B 186 1.82 -14.14 -32.93
CA ASP B 186 1.67 -15.16 -33.95
C ASP B 186 0.32 -15.92 -33.92
N GLY B 187 -0.60 -15.55 -33.03
CA GLY B 187 -1.88 -16.23 -32.88
C GLY B 187 -1.96 -17.33 -31.83
N THR B 188 -0.84 -17.70 -31.21
CA THR B 188 -0.84 -18.71 -30.16
C THR B 188 -1.70 -18.21 -29.01
N VAL B 189 -2.56 -19.10 -28.48
CA VAL B 189 -3.49 -18.75 -27.39
C VAL B 189 -3.16 -19.56 -26.16
N TYR B 190 -2.95 -18.89 -25.03
CA TYR B 190 -2.83 -19.58 -23.75
C TYR B 190 -4.02 -19.28 -22.87
N ASN B 191 -4.44 -20.27 -22.10
CA ASN B 191 -5.48 -20.08 -21.10
C ASN B 191 -5.24 -20.98 -19.90
N ILE B 192 -6.02 -20.79 -18.83
CA ILE B 192 -5.93 -21.59 -17.61
C ILE B 192 -7.33 -22.04 -17.17
N GLY B 193 -7.40 -23.25 -16.61
CA GLY B 193 -8.65 -23.85 -16.15
C GLY B 193 -8.46 -24.80 -14.99
N ASN B 194 -9.50 -24.95 -14.18
CA ASN B 194 -9.57 -25.95 -13.11
C ASN B 194 -9.63 -27.34 -13.73
N CYS B 195 -9.05 -28.32 -13.04
CA CYS B 195 -9.14 -29.71 -13.44
C CYS B 195 -9.50 -30.58 -12.23
N PHE B 196 -10.72 -31.16 -12.23
CA PHE B 196 -11.21 -32.11 -11.19
C PHE B 196 -11.09 -33.56 -11.70
N ILE B 202 -6.49 -32.87 -8.29
CA ILE B 202 -6.94 -31.51 -8.54
C ILE B 202 -5.74 -30.59 -8.90
N ALA B 203 -5.93 -29.78 -9.93
CA ALA B 203 -4.86 -28.92 -10.42
C ALA B 203 -5.43 -27.79 -11.27
N TYR B 204 -4.54 -26.87 -11.68
CA TYR B 204 -4.90 -25.82 -12.63
C TYR B 204 -4.01 -26.01 -13.84
N ASN B 205 -4.60 -26.21 -15.02
CA ASN B 205 -3.84 -26.55 -16.20
C ASN B 205 -3.71 -25.32 -17.10
N ILE B 206 -2.55 -25.17 -17.72
CA ILE B 206 -2.39 -24.20 -18.78
C ILE B 206 -2.62 -24.91 -20.11
N VAL B 207 -3.61 -24.44 -20.87
CA VAL B 207 -3.90 -24.92 -22.21
C VAL B 207 -3.19 -24.03 -23.21
N LYS B 208 -2.54 -24.62 -24.20
CA LYS B 208 -1.97 -23.88 -25.32
C LYS B 208 -2.68 -24.31 -26.58
N ILE B 209 -3.30 -23.37 -27.28
CA ILE B 209 -3.87 -23.58 -28.59
C ILE B 209 -2.90 -22.96 -29.60
N PRO B 210 -2.39 -23.74 -30.58
CA PRO B 210 -1.39 -23.18 -31.52
C PRO B 210 -2.02 -22.31 -32.61
N PRO B 211 -1.20 -21.51 -33.33
CA PRO B 211 -1.75 -20.68 -34.44
C PRO B 211 -2.22 -21.54 -35.58
N LEU B 212 -3.02 -20.97 -36.49
CA LEU B 212 -3.43 -21.72 -37.69
C LEU B 212 -2.19 -22.11 -38.49
N GLN B 213 -2.11 -23.37 -38.89
CA GLN B 213 -0.95 -23.91 -39.61
C GLN B 213 -1.27 -24.06 -41.10
N ALA B 214 -0.28 -24.48 -41.88
CA ALA B 214 -0.45 -24.68 -43.33
C ALA B 214 -1.54 -25.72 -43.68
N ASP B 215 -1.70 -26.77 -42.86
CA ASP B 215 -2.78 -27.76 -43.07
C ASP B 215 -4.20 -27.20 -42.97
N LYS B 216 -4.35 -26.03 -42.35
CA LYS B 216 -5.63 -25.31 -42.29
C LYS B 216 -6.70 -26.00 -41.44
N GLU B 217 -6.35 -27.04 -40.69
CA GLU B 217 -7.30 -27.67 -39.77
C GLU B 217 -7.40 -26.87 -38.48
N ASP B 218 -8.48 -27.10 -37.77
CA ASP B 218 -8.90 -26.24 -36.68
C ASP B 218 -7.86 -26.36 -35.54
N PRO B 219 -7.30 -25.20 -35.07
CA PRO B 219 -6.30 -25.26 -34.00
C PRO B 219 -6.79 -25.76 -32.65
N ILE B 220 -8.10 -25.75 -32.40
CA ILE B 220 -8.62 -26.36 -31.18
C ILE B 220 -8.30 -27.85 -31.16
N SER B 221 -8.35 -28.51 -32.31
CA SER B 221 -7.92 -29.92 -32.43
C SER B 221 -6.52 -30.20 -31.95
N LYS B 222 -5.65 -29.21 -32.07
CA LYS B 222 -4.26 -29.30 -31.65
C LYS B 222 -3.98 -28.70 -30.25
N SER B 223 -5.02 -28.50 -29.44
CA SER B 223 -4.89 -28.02 -28.06
C SER B 223 -4.10 -28.96 -27.21
N GLU B 224 -3.43 -28.45 -26.19
CA GLU B 224 -2.80 -29.31 -25.21
C GLU B 224 -2.49 -28.62 -23.89
N ILE B 225 -2.49 -29.40 -22.81
CA ILE B 225 -1.98 -28.97 -21.53
C ILE B 225 -0.45 -28.96 -21.59
N VAL B 226 0.16 -27.79 -21.38
CA VAL B 226 1.63 -27.67 -21.34
C VAL B 226 2.24 -27.61 -19.93
N VAL B 227 1.48 -27.12 -18.96
CA VAL B 227 1.99 -27.10 -17.58
C VAL B 227 0.84 -27.08 -16.59
N GLN B 228 1.16 -27.47 -15.38
CA GLN B 228 0.19 -27.72 -14.36
C GLN B 228 0.61 -27.03 -13.07
N PHE B 229 -0.31 -26.31 -12.45
CA PHE B 229 -0.08 -25.62 -11.20
C PHE B 229 -0.79 -26.44 -10.13
N PRO B 230 -0.14 -26.62 -8.97
CA PRO B 230 -0.73 -27.39 -7.88
C PRO B 230 -1.79 -26.61 -7.13
N CYS B 231 -2.60 -27.31 -6.34
CA CYS B 231 -3.71 -26.71 -5.59
C CYS B 231 -3.37 -26.69 -4.13
N SER B 232 -3.81 -25.65 -3.43
CA SER B 232 -3.51 -25.51 -2.01
C SER B 232 -4.31 -26.49 -1.16
N ASP B 233 -5.46 -26.90 -1.65
CA ASP B 233 -6.40 -27.71 -0.90
C ASP B 233 -6.93 -28.74 -1.87
N ARG B 234 -6.88 -30.02 -1.49
CA ARG B 234 -7.18 -31.11 -2.42
C ARG B 234 -8.63 -31.11 -2.92
N PHE B 235 -9.59 -30.80 -2.04
CA PHE B 235 -11.02 -30.80 -2.41
C PHE B 235 -11.61 -29.39 -2.66
N LYS B 236 -10.80 -28.34 -2.64
CA LYS B 236 -11.29 -26.97 -2.85
C LYS B 236 -10.33 -26.12 -3.68
N PRO B 237 -10.51 -26.10 -5.01
CA PRO B 237 -9.72 -25.21 -5.86
C PRO B 237 -10.13 -23.74 -5.74
N SER B 238 -9.20 -22.84 -6.01
CA SER B 238 -9.51 -21.42 -6.04
C SER B 238 -10.23 -21.07 -7.33
N TYR B 239 -11.14 -20.12 -7.22
CA TYR B 239 -11.69 -19.45 -8.37
C TYR B 239 -10.55 -18.71 -9.07
N VAL B 240 -10.53 -18.79 -10.40
CA VAL B 240 -9.50 -18.15 -11.18
C VAL B 240 -10.13 -17.48 -12.40
N HIS B 241 -9.80 -16.22 -12.55
CA HIS B 241 -10.42 -15.34 -13.52
C HIS B 241 -9.46 -14.93 -14.64
N SER B 242 -8.15 -14.89 -14.37
CA SER B 242 -7.14 -14.44 -15.35
C SER B 242 -5.79 -14.87 -14.85
N PHE B 243 -4.76 -14.60 -15.64
CA PHE B 243 -3.43 -15.01 -15.28
C PHE B 243 -2.41 -14.17 -16.02
N GLY B 244 -1.17 -14.29 -15.61
CA GLY B 244 -0.08 -13.48 -16.18
C GLY B 244 0.84 -14.22 -17.13
N LEU B 245 1.30 -13.55 -18.16
CA LEU B 245 2.17 -14.19 -19.14
C LEU B 245 3.28 -13.25 -19.59
N THR B 246 4.48 -13.79 -19.67
CA THR B 246 5.65 -13.08 -20.20
C THR B 246 6.24 -14.00 -21.25
N PRO B 247 7.25 -13.53 -22.00
CA PRO B 247 7.93 -14.40 -22.94
C PRO B 247 8.41 -15.70 -22.35
N ASN B 248 8.88 -15.67 -21.09
CA ASN B 248 9.46 -16.84 -20.42
C ASN B 248 8.71 -17.42 -19.27
N TYR B 249 7.68 -16.72 -18.77
CA TYR B 249 7.00 -17.22 -17.57
C TYR B 249 5.53 -17.08 -17.62
N ILE B 250 4.88 -17.90 -16.79
CA ILE B 250 3.46 -17.91 -16.58
C ILE B 250 3.25 -17.68 -15.11
N VAL B 251 2.40 -16.71 -14.76
CA VAL B 251 2.09 -16.40 -13.37
C VAL B 251 0.63 -16.65 -13.07
N PHE B 252 0.39 -17.32 -11.96
CA PHE B 252 -0.97 -17.69 -11.54
C PHE B 252 -1.15 -17.38 -10.07
N VAL B 253 -2.22 -16.65 -9.75
CA VAL B 253 -2.40 -16.14 -8.42
C VAL B 253 -3.54 -16.91 -7.79
N GLU B 254 -3.23 -17.71 -6.78
CA GLU B 254 -4.21 -18.56 -6.09
C GLU B 254 -4.76 -17.82 -4.87
N THR B 255 -6.01 -17.38 -4.99
CA THR B 255 -6.67 -16.56 -3.97
C THR B 255 -7.45 -17.39 -2.97
N PRO B 256 -7.92 -16.75 -1.87
CA PRO B 256 -8.69 -17.49 -0.90
C PRO B 256 -10.19 -17.63 -1.19
N VAL B 257 -10.63 -17.30 -2.41
CA VAL B 257 -11.99 -17.57 -2.86
C VAL B 257 -11.95 -18.97 -3.45
N LYS B 258 -12.59 -19.91 -2.76
CA LYS B 258 -12.55 -21.34 -3.09
C LYS B 258 -13.90 -21.86 -3.56
N ILE B 259 -13.85 -22.85 -4.44
CA ILE B 259 -15.02 -23.56 -4.94
C ILE B 259 -15.14 -24.82 -4.13
N ASN B 260 -16.25 -24.96 -3.42
CA ASN B 260 -16.48 -26.10 -2.54
C ASN B 260 -17.03 -27.24 -3.38
N LEU B 261 -16.17 -28.23 -3.61
CA LEU B 261 -16.52 -29.34 -4.51
C LEU B 261 -17.54 -30.31 -3.90
N PHE B 262 -17.62 -30.38 -2.55
CA PHE B 262 -18.66 -31.17 -1.89
C PHE B 262 -20.06 -30.66 -2.25
N LYS B 263 -20.27 -29.35 -2.15
CA LYS B 263 -21.53 -28.72 -2.63
C LYS B 263 -21.66 -28.71 -4.18
N PHE B 264 -20.52 -28.64 -4.90
CA PHE B 264 -20.49 -28.50 -6.38
C PHE B 264 -20.97 -29.76 -7.11
N LEU B 265 -20.41 -30.91 -6.73
CA LEU B 265 -20.67 -32.21 -7.38
C LEU B 265 -21.91 -33.00 -6.89
N SER B 266 -22.39 -32.71 -5.67
CA SER B 266 -23.66 -33.27 -5.18
C SER B 266 -24.86 -32.79 -6.03
N SER B 267 -25.98 -33.54 -5.97
CA SER B 267 -27.23 -33.24 -6.71
C SER B 267 -27.78 -31.80 -6.57
N TRP B 268 -27.71 -31.05 -7.68
CA TRP B 268 -27.95 -29.60 -7.68
C TRP B 268 -29.43 -29.20 -7.59
N SER B 269 -30.26 -29.75 -8.46
CA SER B 269 -31.72 -29.51 -8.40
C SER B 269 -32.48 -30.39 -7.35
N LEU B 270 -31.75 -31.09 -6.48
CA LEU B 270 -32.28 -31.66 -5.20
C LEU B 270 -32.35 -30.55 -4.11
N TRP B 271 -31.19 -30.13 -3.59
CA TRP B 271 -31.12 -28.93 -2.70
C TRP B 271 -31.61 -27.64 -3.41
N GLY B 272 -31.27 -27.45 -4.70
CA GLY B 272 -31.62 -26.25 -5.50
C GLY B 272 -30.49 -25.23 -5.71
N ALA B 273 -29.26 -25.72 -5.89
CA ALA B 273 -28.08 -24.86 -5.91
C ALA B 273 -27.73 -24.25 -7.30
N ASN B 274 -27.09 -23.08 -7.26
CA ASN B 274 -26.43 -22.48 -8.42
C ASN B 274 -24.91 -22.42 -8.17
N TYR B 275 -24.17 -21.74 -9.07
CA TYR B 275 -22.71 -21.65 -8.99
C TYR B 275 -22.29 -20.82 -7.77
N MET B 276 -22.91 -19.66 -7.61
CA MET B 276 -22.64 -18.79 -6.46
C MET B 276 -22.74 -19.53 -5.13
N ASP B 277 -23.68 -20.47 -5.00
CA ASP B 277 -23.83 -21.26 -3.76
C ASP B 277 -22.64 -22.17 -3.42
N CYS B 278 -21.68 -22.32 -4.31
CA CYS B 278 -20.58 -23.23 -4.06
C CYS B 278 -19.28 -22.52 -3.67
N PHE B 279 -19.29 -21.18 -3.63
CA PHE B 279 -18.08 -20.44 -3.24
C PHE B 279 -18.02 -20.29 -1.75
N GLU B 280 -16.82 -20.38 -1.21
CA GLU B 280 -16.56 -19.99 0.18
C GLU B 280 -15.17 -19.38 0.26
N SER B 281 -14.88 -18.76 1.39
CA SER B 281 -13.62 -18.07 1.59
C SER B 281 -12.77 -18.81 2.58
N ASN B 282 -11.54 -19.17 2.21
CA ASN B 282 -10.57 -19.68 3.17
C ASN B 282 -9.99 -18.51 3.95
N GLU B 283 -10.16 -18.51 5.27
CA GLU B 283 -9.72 -17.38 6.11
C GLU B 283 -8.20 -17.31 6.36
N THR B 284 -7.56 -18.46 6.43
CA THR B 284 -6.18 -18.56 6.91
C THR B 284 -5.10 -18.57 5.82
N MET B 285 -5.40 -18.97 4.56
CA MET B 285 -4.34 -19.18 3.56
C MET B 285 -3.71 -17.89 2.95
N GLY B 286 -4.40 -16.76 3.02
CA GLY B 286 -4.00 -15.57 2.29
C GLY B 286 -4.01 -15.85 0.79
N VAL B 287 -2.99 -15.34 0.09
CA VAL B 287 -2.82 -15.52 -1.34
C VAL B 287 -1.47 -16.21 -1.56
N TRP B 288 -1.48 -17.22 -2.42
CA TRP B 288 -0.29 -17.95 -2.83
C TRP B 288 -0.05 -17.63 -4.30
N LEU B 289 1.17 -17.22 -4.66
CA LEU B 289 1.50 -16.89 -6.05
C LEU B 289 2.42 -17.96 -6.59
N HIS B 290 2.24 -18.28 -7.87
CA HIS B 290 2.86 -19.43 -8.52
C HIS B 290 3.46 -18.98 -9.85
N ILE B 291 4.66 -19.45 -10.14
CA ILE B 291 5.30 -19.21 -11.42
C ILE B 291 5.60 -20.52 -12.12
N ALA B 292 5.46 -20.54 -13.45
CA ALA B 292 5.94 -21.68 -14.23
C ALA B 292 6.84 -21.19 -15.31
N ASP B 293 7.81 -22.02 -15.69
CA ASP B 293 8.70 -21.78 -16.81
C ASP B 293 7.96 -22.12 -18.11
N LYS B 294 7.73 -21.13 -18.96
CA LYS B 294 6.85 -21.28 -20.11
C LYS B 294 7.46 -22.19 -21.16
N LYS B 295 8.74 -21.98 -21.44
CA LYS B 295 9.44 -22.66 -22.51
C LYS B 295 9.91 -24.04 -22.12
N ARG B 296 10.31 -24.24 -20.88
CA ARG B 296 10.66 -25.58 -20.41
C ARG B 296 9.44 -26.32 -19.87
N LYS B 297 8.26 -25.69 -19.95
CA LYS B 297 6.98 -26.35 -19.60
C LYS B 297 6.98 -26.95 -18.19
N LYS B 298 7.52 -26.20 -17.22
CA LYS B 298 7.82 -26.71 -15.88
C LYS B 298 7.39 -25.75 -14.75
N TYR B 299 6.69 -26.30 -13.75
CA TYR B 299 6.36 -25.55 -12.52
C TYR B 299 7.61 -25.26 -11.70
N ILE B 300 7.73 -24.05 -11.18
CA ILE B 300 8.85 -23.66 -10.33
C ILE B 300 8.39 -23.72 -8.87
N ASN B 301 9.18 -24.36 -8.03
CA ASN B 301 8.73 -24.56 -6.65
C ASN B 301 9.16 -23.43 -5.70
N ASN B 302 8.62 -22.24 -5.89
CA ASN B 302 8.87 -21.09 -5.01
C ASN B 302 7.57 -20.75 -4.31
N LYS B 303 7.59 -20.78 -2.97
CA LYS B 303 6.39 -20.59 -2.17
C LYS B 303 6.15 -19.09 -1.86
N TYR B 304 5.71 -18.35 -2.87
CA TYR B 304 5.38 -16.93 -2.71
C TYR B 304 4.05 -16.86 -1.98
N ARG B 305 4.00 -15.98 -0.97
CA ARG B 305 2.84 -15.87 -0.09
C ARG B 305 2.55 -14.41 0.20
N THR B 306 1.28 -14.06 0.30
CA THR B 306 0.92 -12.74 0.81
C THR B 306 -0.43 -12.73 1.53
N SER B 307 -0.85 -11.53 1.95
CA SER B 307 -2.12 -11.34 2.64
C SER B 307 -3.35 -11.46 1.70
N PRO B 308 -4.55 -11.63 2.26
CA PRO B 308 -5.70 -11.98 1.41
C PRO B 308 -6.24 -10.89 0.50
N PHE B 309 -6.60 -11.25 -0.73
CA PHE B 309 -7.35 -10.37 -1.63
C PHE B 309 -8.04 -11.21 -2.65
N ASN B 310 -9.15 -10.69 -3.18
CA ASN B 310 -9.77 -11.20 -4.42
C ASN B 310 -8.97 -10.62 -5.60
N LEU B 311 -8.84 -11.40 -6.65
CA LEU B 311 -8.26 -10.90 -7.88
C LEU B 311 -9.13 -11.34 -9.05
N PHE B 312 -9.44 -10.38 -9.92
CA PHE B 312 -10.11 -10.67 -11.18
C PHE B 312 -9.17 -10.43 -12.36
N HIS B 313 -8.60 -9.22 -12.42
CA HIS B 313 -7.80 -8.87 -13.58
C HIS B 313 -6.35 -8.59 -13.30
N HIS B 314 -5.48 -9.36 -13.92
CA HIS B 314 -4.10 -8.94 -14.12
C HIS B 314 -4.13 -7.75 -15.06
N ILE B 315 -3.20 -6.80 -14.85
CA ILE B 315 -3.02 -5.64 -15.75
C ILE B 315 -1.96 -6.00 -16.79
N ASN B 316 -0.77 -6.31 -16.30
CA ASN B 316 0.33 -6.77 -17.15
C ASN B 316 1.41 -7.41 -16.29
N THR B 317 2.21 -8.26 -16.90
CA THR B 317 3.30 -8.91 -16.23
C THR B 317 4.53 -8.77 -17.10
N TYR B 318 5.70 -8.58 -16.49
CA TYR B 318 6.94 -8.54 -17.28
C TYR B 318 8.20 -8.87 -16.49
N GLU B 319 9.30 -9.06 -17.21
CA GLU B 319 10.56 -9.50 -16.64
C GLU B 319 11.51 -8.31 -16.56
N ASP B 320 12.13 -8.12 -15.39
CA ASP B 320 13.10 -7.05 -15.18
C ASP B 320 14.25 -7.65 -14.39
N HIS B 321 15.40 -7.84 -15.06
CA HIS B 321 16.55 -8.55 -14.49
C HIS B 321 16.04 -9.86 -13.92
N GLU B 322 16.38 -10.30 -12.72
CA GLU B 322 15.89 -11.65 -12.40
C GLU B 322 14.53 -11.63 -11.64
N PHE B 323 13.64 -10.70 -11.98
CA PHE B 323 12.41 -10.44 -11.21
C PHE B 323 11.19 -10.33 -12.10
N LEU B 324 10.08 -10.91 -11.65
CA LEU B 324 8.82 -10.70 -12.32
C LEU B 324 8.03 -9.57 -11.68
N ILE B 325 7.62 -8.60 -12.51
CA ILE B 325 6.78 -7.52 -12.10
C ILE B 325 5.35 -7.92 -12.43
N VAL B 326 4.50 -7.97 -11.39
CA VAL B 326 3.14 -8.47 -11.49
C VAL B 326 2.15 -7.37 -11.07
N ASP B 327 1.51 -6.70 -12.03
CA ASP B 327 0.56 -5.62 -11.72
C ASP B 327 -0.88 -6.12 -11.73
N LEU B 328 -1.59 -5.90 -10.61
CA LEU B 328 -2.89 -6.52 -10.34
C LEU B 328 -3.91 -5.50 -9.89
N CYS B 329 -5.16 -5.70 -10.32
CA CYS B 329 -6.33 -5.01 -9.75
C CYS B 329 -6.88 -5.87 -8.62
N CYS B 330 -6.60 -5.48 -7.38
CA CYS B 330 -6.93 -6.30 -6.20
C CYS B 330 -8.13 -5.75 -5.47
N TRP B 331 -8.70 -6.61 -4.62
CA TRP B 331 -9.79 -6.25 -3.73
C TRP B 331 -9.39 -6.75 -2.33
N LYS B 332 -9.14 -5.82 -1.42
CA LYS B 332 -8.55 -6.11 -0.13
C LYS B 332 -9.51 -6.78 0.85
N GLY B 333 -9.34 -8.08 1.05
CA GLY B 333 -10.21 -8.92 1.86
C GLY B 333 -10.40 -10.31 1.28
N PHE B 334 -11.09 -11.18 2.02
CA PHE B 334 -11.32 -12.54 1.51
C PHE B 334 -12.77 -12.87 1.17
N GLU B 335 -13.72 -12.02 1.56
CA GLU B 335 -15.10 -12.17 1.06
C GLU B 335 -15.13 -12.03 -0.46
N PHE B 336 -15.95 -12.87 -1.08
CA PHE B 336 -16.04 -12.88 -2.52
C PHE B 336 -16.76 -11.61 -3.02
N VAL B 337 -16.05 -10.79 -3.79
CA VAL B 337 -16.61 -9.54 -4.31
C VAL B 337 -17.91 -9.77 -5.08
N TYR B 338 -18.06 -10.96 -5.67
CA TYR B 338 -19.26 -11.26 -6.42
C TYR B 338 -20.54 -11.29 -5.57
N ASN B 339 -20.42 -11.46 -4.25
CA ASN B 339 -21.57 -11.29 -3.33
C ASN B 339 -22.26 -9.94 -3.44
N TYR B 340 -21.56 -8.90 -3.88
CA TYR B 340 -22.10 -7.54 -3.99
C TYR B 340 -22.65 -7.24 -5.37
N LEU B 341 -22.71 -8.25 -6.25
CA LEU B 341 -23.12 -8.04 -7.65
C LEU B 341 -24.44 -8.72 -8.11
N TYR B 342 -25.30 -9.06 -7.14
CA TYR B 342 -26.69 -9.32 -7.43
C TYR B 342 -27.38 -8.08 -8.00
N LEU B 343 -28.27 -8.30 -8.96
CA LEU B 343 -28.96 -7.22 -9.69
C LEU B 343 -29.84 -6.37 -8.79
N ALA B 344 -30.54 -7.04 -7.87
CA ALA B 344 -31.36 -6.38 -6.84
C ALA B 344 -30.58 -5.30 -6.08
N ASN B 345 -29.32 -5.57 -5.73
CA ASN B 345 -28.48 -4.58 -5.08
C ASN B 345 -28.04 -3.48 -6.08
N LEU B 346 -27.55 -3.88 -7.24
CA LEU B 346 -27.10 -2.92 -8.24
C LEU B 346 -28.22 -2.00 -8.78
N ARG B 347 -29.47 -2.40 -8.61
CA ARG B 347 -30.64 -1.60 -9.00
C ARG B 347 -31.24 -0.74 -7.87
N GLU B 348 -30.69 -0.84 -6.66
CA GLU B 348 -31.06 0.05 -5.55
C GLU B 348 -30.81 1.49 -5.89
N ASN B 349 -31.32 2.37 -5.06
CA ASN B 349 -31.02 3.80 -5.17
C ASN B 349 -29.63 4.09 -4.62
N TRP B 350 -29.12 5.25 -5.02
CA TRP B 350 -27.72 5.61 -4.86
C TRP B 350 -27.19 5.57 -3.44
N GLU B 351 -27.96 6.11 -2.49
CA GLU B 351 -27.62 6.03 -1.06
C GLU B 351 -27.58 4.60 -0.55
N GLU B 352 -28.45 3.74 -1.07
CA GLU B 352 -28.48 2.34 -0.66
C GLU B 352 -27.35 1.53 -1.31
N VAL B 353 -27.01 1.85 -2.56
CA VAL B 353 -25.85 1.25 -3.25
C VAL B 353 -24.57 1.55 -2.46
N LYS B 354 -24.38 2.82 -2.09
CA LYS B 354 -23.22 3.20 -1.32
C LYS B 354 -23.18 2.48 0.02
N LYS B 355 -24.30 2.48 0.75
CA LYS B 355 -24.38 1.78 2.05
C LYS B 355 -23.97 0.31 1.89
N ASN B 356 -24.47 -0.36 0.85
CA ASN B 356 -24.21 -1.77 0.65
C ASN B 356 -22.75 -2.08 0.45
N ALA B 357 -22.05 -1.20 -0.23
CA ALA B 357 -20.63 -1.41 -0.53
C ALA B 357 -19.66 -1.09 0.62
N ARG B 358 -20.16 -0.55 1.73
N ARG B 358 -20.14 -0.57 1.75
CA ARG B 358 -19.32 -0.14 2.86
CA ARG B 358 -19.24 -0.12 2.79
C ARG B 358 -18.47 -1.30 3.40
C ARG B 358 -18.50 -1.26 3.52
N LYS B 359 -19.08 -2.45 3.59
CA LYS B 359 -18.41 -3.63 4.16
C LYS B 359 -17.69 -4.50 3.15
N ALA B 360 -17.73 -4.10 1.87
CA ALA B 360 -17.08 -4.83 0.79
C ALA B 360 -15.56 -4.69 0.83
N PRO B 361 -14.84 -5.65 0.24
CA PRO B 361 -13.41 -5.47 0.05
C PRO B 361 -13.10 -4.17 -0.67
N GLN B 362 -11.97 -3.57 -0.33
CA GLN B 362 -11.54 -2.30 -0.95
C GLN B 362 -10.67 -2.51 -2.21
N PRO B 363 -11.01 -1.86 -3.33
CA PRO B 363 -10.17 -2.02 -4.50
C PRO B 363 -8.81 -1.32 -4.35
N GLU B 364 -7.79 -1.89 -4.99
CA GLU B 364 -6.46 -1.32 -4.96
C GLU B 364 -5.59 -1.89 -6.07
N VAL B 365 -4.94 -1.02 -6.81
CA VAL B 365 -3.97 -1.46 -7.81
C VAL B 365 -2.65 -1.66 -7.09
N ARG B 366 -2.10 -2.87 -7.23
CA ARG B 366 -0.86 -3.27 -6.56
C ARG B 366 0.16 -3.88 -7.51
N ARG B 367 1.43 -3.58 -7.25
CA ARG B 367 2.55 -4.16 -7.96
C ARG B 367 3.27 -5.14 -7.03
N TYR B 368 3.29 -6.42 -7.40
CA TYR B 368 4.11 -7.40 -6.69
C TYR B 368 5.36 -7.68 -7.49
N VAL B 369 6.45 -7.98 -6.78
CA VAL B 369 7.72 -8.25 -7.42
C VAL B 369 8.22 -9.58 -6.91
N LEU B 370 8.43 -10.51 -7.84
CA LEU B 370 8.67 -11.92 -7.52
C LEU B 370 10.10 -12.23 -7.92
N PRO B 371 11.00 -12.44 -6.94
CA PRO B 371 12.38 -12.79 -7.30
C PRO B 371 12.50 -14.21 -7.85
N LEU B 372 13.31 -14.40 -8.88
CA LEU B 372 13.51 -15.73 -9.47
C LEU B 372 14.69 -16.46 -8.84
N ASN B 373 15.74 -15.70 -8.48
CA ASN B 373 16.91 -16.18 -7.72
C ASN B 373 16.73 -16.06 -6.19
N ILE B 374 16.48 -17.18 -5.55
CA ILE B 374 16.35 -17.25 -4.11
C ILE B 374 17.62 -17.90 -3.56
N ASP B 375 18.48 -17.10 -2.92
CA ASP B 375 19.66 -17.61 -2.18
C ASP B 375 19.34 -17.84 -0.69
N LYS B 376 19.61 -19.05 -0.18
CA LYS B 376 19.39 -19.37 1.24
C LYS B 376 20.14 -18.45 2.23
N ALA B 377 21.31 -17.99 1.81
CA ALA B 377 22.10 -17.00 2.56
C ALA B 377 21.36 -15.70 2.85
N ASP B 378 20.37 -15.33 2.03
CA ASP B 378 19.53 -14.14 2.28
C ASP B 378 18.29 -14.36 3.12
N THR B 379 18.17 -15.53 3.78
CA THR B 379 17.05 -15.78 4.70
C THR B 379 16.94 -14.65 5.72
N GLY B 380 15.72 -14.12 5.86
CA GLY B 380 15.42 -12.99 6.73
C GLY B 380 15.44 -11.62 6.07
N LYS B 381 15.92 -11.55 4.84
CA LYS B 381 16.12 -10.28 4.15
C LYS B 381 15.17 -10.08 2.97
N ASN B 382 15.22 -8.85 2.45
CA ASN B 382 14.44 -8.40 1.32
C ASN B 382 15.24 -8.74 0.06
N LEU B 383 14.68 -9.61 -0.78
CA LEU B 383 15.33 -10.03 -2.01
C LEU B 383 15.17 -9.04 -3.16
N VAL B 384 14.19 -8.14 -3.04
CA VAL B 384 13.85 -7.25 -4.13
C VAL B 384 14.84 -6.10 -4.13
N THR B 385 15.96 -6.33 -4.80
CA THR B 385 17.06 -5.38 -4.90
C THR B 385 16.95 -4.41 -6.07
N LEU B 386 15.88 -4.47 -6.86
CA LEU B 386 15.66 -3.48 -7.92
C LEU B 386 15.59 -2.06 -7.37
N PRO B 387 16.08 -1.10 -8.14
CA PRO B 387 16.24 0.25 -7.61
C PRO B 387 15.00 1.14 -7.60
N ASN B 388 13.94 0.80 -8.35
CA ASN B 388 12.78 1.72 -8.49
C ASN B 388 11.45 1.10 -8.07
N THR B 389 11.46 0.30 -7.01
CA THR B 389 10.24 -0.20 -6.42
C THR B 389 10.35 -0.25 -4.89
N THR B 390 9.19 -0.25 -4.24
CA THR B 390 9.06 -0.46 -2.82
C THR B 390 8.44 -1.81 -2.53
N ALA B 391 8.08 -2.56 -3.56
CA ALA B 391 7.67 -3.95 -3.32
C ALA B 391 8.84 -4.71 -2.66
N THR B 392 8.48 -5.62 -1.74
CA THR B 392 9.44 -6.46 -1.05
C THR B 392 9.07 -7.94 -1.12
N ALA B 393 10.10 -8.77 -0.95
CA ALA B 393 9.95 -10.20 -0.86
C ALA B 393 10.96 -10.76 0.12
N ILE B 394 10.44 -11.39 1.17
CA ILE B 394 11.21 -11.77 2.32
C ILE B 394 11.25 -13.26 2.45
N LEU B 395 12.48 -13.77 2.41
CA LEU B 395 12.74 -15.19 2.50
C LEU B 395 12.71 -15.61 3.96
N CYS B 396 11.71 -16.39 4.33
CA CYS B 396 11.62 -16.96 5.66
C CYS B 396 12.41 -18.29 5.74
N SER B 397 12.55 -18.80 6.96
CA SER B 397 13.28 -20.05 7.24
C SER B 397 12.62 -21.27 6.69
N ASP B 398 11.28 -21.33 6.74
CA ASP B 398 10.54 -22.40 6.06
C ASP B 398 10.55 -22.27 4.53
N GLU B 399 11.32 -21.33 3.98
CA GLU B 399 11.41 -21.13 2.51
C GLU B 399 10.18 -20.50 1.86
N THR B 400 9.20 -20.08 2.64
CA THR B 400 8.16 -19.21 2.11
C THR B 400 8.78 -17.84 1.84
N ILE B 401 8.27 -17.17 0.81
CA ILE B 401 8.74 -15.85 0.41
C ILE B 401 7.56 -14.90 0.64
N TRP B 402 7.61 -14.13 1.70
CA TRP B 402 6.49 -13.26 2.04
C TRP B 402 6.59 -11.97 1.25
N LEU B 403 5.52 -11.62 0.52
CA LEU B 403 5.53 -10.46 -0.38
C LEU B 403 4.72 -9.31 0.20
N GLU B 404 5.25 -8.09 0.03
CA GLU B 404 4.49 -6.85 0.23
C GLU B 404 4.46 -6.11 -1.08
N PRO B 405 3.34 -5.47 -1.40
CA PRO B 405 3.20 -4.75 -2.67
C PRO B 405 3.67 -3.32 -2.64
N GLU B 406 3.83 -2.77 -3.82
CA GLU B 406 3.87 -1.33 -4.05
C GLU B 406 2.49 -0.95 -4.55
N VAL B 407 1.82 -0.04 -3.85
CA VAL B 407 0.50 0.40 -4.28
C VAL B 407 0.65 1.41 -5.40
N LEU B 408 -0.02 1.16 -6.50
CA LEU B 408 0.04 2.05 -7.63
C LEU B 408 -1.16 3.03 -7.64
N PHE B 409 -2.31 2.59 -7.14
CA PHE B 409 -3.49 3.46 -7.07
C PHE B 409 -4.45 2.98 -6.02
N SER B 410 -4.99 3.92 -5.26
CA SER B 410 -5.89 3.59 -4.18
C SER B 410 -6.86 4.71 -3.93
N GLY B 411 -8.14 4.44 -4.06
CA GLY B 411 -9.19 5.41 -3.75
C GLY B 411 -10.37 4.73 -3.05
N PRO B 412 -11.06 5.45 -2.14
CA PRO B 412 -12.09 4.80 -1.29
C PRO B 412 -13.32 4.35 -2.05
N ARG B 413 -13.49 3.03 -2.16
CA ARG B 413 -14.49 2.41 -3.03
C ARG B 413 -14.44 2.90 -4.48
N GLN B 414 -13.25 3.30 -4.93
CA GLN B 414 -12.99 3.77 -6.27
C GLN B 414 -12.05 2.74 -6.89
N ALA B 415 -12.63 1.79 -7.62
CA ALA B 415 -11.84 0.77 -8.29
C ALA B 415 -11.34 1.27 -9.64
N PHE B 416 -10.05 1.07 -9.90
CA PHE B 416 -9.51 1.10 -11.24
C PHE B 416 -9.61 -0.37 -11.69
N GLU B 417 -10.53 -0.66 -12.59
CA GLU B 417 -10.86 -2.03 -12.96
C GLU B 417 -10.93 -2.18 -14.46
N PHE B 418 -11.17 -3.42 -14.90
CA PHE B 418 -11.22 -3.75 -16.32
C PHE B 418 -10.03 -3.12 -17.01
N PRO B 419 -8.81 -3.50 -16.58
CA PRO B 419 -7.63 -2.80 -17.10
C PRO B 419 -7.30 -3.23 -18.50
N GLN B 420 -6.72 -2.31 -19.25
CA GLN B 420 -6.23 -2.59 -20.58
C GLN B 420 -4.96 -1.84 -20.79
N ILE B 421 -4.09 -2.36 -21.65
CA ILE B 421 -2.86 -1.69 -22.04
C ILE B 421 -2.78 -1.65 -23.55
N ASN B 422 -1.70 -1.08 -24.10
CA ASN B 422 -1.36 -1.33 -25.51
C ASN B 422 -0.81 -2.74 -25.64
N TYR B 423 -1.71 -3.72 -25.73
CA TYR B 423 -1.37 -5.12 -25.54
C TYR B 423 -0.47 -5.70 -26.62
N GLN B 424 -0.72 -5.39 -27.88
CA GLN B 424 0.00 -6.02 -29.00
C GLN B 424 1.48 -5.73 -29.06
N LYS B 425 1.86 -4.55 -28.58
CA LYS B 425 3.24 -4.12 -28.55
C LYS B 425 3.86 -4.21 -27.13
N TYR B 426 3.06 -4.18 -26.05
CA TYR B 426 3.60 -4.17 -24.66
C TYR B 426 3.14 -5.30 -23.69
N GLY B 427 2.28 -6.20 -24.14
CA GLY B 427 1.87 -7.31 -23.30
C GLY B 427 3.05 -8.21 -22.98
N GLY B 428 3.21 -8.54 -21.71
CA GLY B 428 4.35 -9.33 -21.26
C GLY B 428 5.65 -8.58 -21.23
N LYS B 429 5.62 -7.25 -21.40
CA LYS B 429 6.85 -6.46 -21.55
C LYS B 429 6.86 -5.19 -20.68
N PRO B 430 8.05 -4.69 -20.38
CA PRO B 430 8.13 -3.40 -19.69
C PRO B 430 7.18 -2.34 -20.29
N TYR B 431 6.44 -1.66 -19.44
CA TYR B 431 5.43 -0.78 -19.93
C TYR B 431 5.25 0.37 -18.96
N THR B 432 4.48 1.38 -19.35
CA THR B 432 4.24 2.57 -18.54
C THR B 432 2.76 2.88 -18.26
N TYR B 433 1.86 2.53 -19.16
CA TYR B 433 0.49 3.04 -19.10
C TYR B 433 -0.51 1.90 -19.03
N ALA B 434 -1.50 2.07 -18.16
CA ALA B 434 -2.74 1.28 -18.18
C ALA B 434 -3.99 2.16 -18.26
N TYR B 435 -5.04 1.63 -18.85
CA TYR B 435 -6.33 2.29 -18.91
C TYR B 435 -7.32 1.41 -18.18
N GLY B 436 -8.35 2.00 -17.61
CA GLY B 436 -9.35 1.20 -16.92
C GLY B 436 -10.67 1.89 -16.77
N LEU B 437 -11.64 1.12 -16.29
CA LEU B 437 -12.95 1.63 -15.95
C LEU B 437 -12.97 1.92 -14.47
N GLY B 438 -13.39 3.13 -14.10
CA GLY B 438 -13.49 3.53 -12.70
C GLY B 438 -14.85 3.15 -12.16
N LEU B 439 -14.85 2.38 -11.07
CA LEU B 439 -16.07 2.01 -10.37
C LEU B 439 -16.18 2.82 -9.09
N ASN B 440 -17.40 3.22 -8.79
CA ASN B 440 -17.70 4.08 -7.68
C ASN B 440 -18.72 3.33 -6.92
N HIS B 441 -18.32 2.62 -5.86
CA HIS B 441 -19.21 1.68 -5.13
C HIS B 441 -19.83 0.72 -6.13
N PHE B 442 -18.98 0.16 -6.99
CA PHE B 442 -19.35 -0.80 -8.07
C PHE B 442 -20.01 -0.20 -9.34
N VAL B 443 -20.38 1.08 -9.31
CA VAL B 443 -21.07 1.70 -10.44
C VAL B 443 -20.03 2.30 -11.36
N PRO B 444 -20.02 1.89 -12.65
CA PRO B 444 -19.00 2.41 -13.55
C PRO B 444 -19.37 3.82 -13.96
N ASP B 445 -18.58 4.80 -13.58
CA ASP B 445 -18.93 6.18 -13.87
C ASP B 445 -17.79 7.04 -14.43
N ARG B 446 -16.69 6.43 -14.86
CA ARG B 446 -15.55 7.20 -15.42
C ARG B 446 -14.55 6.31 -16.14
N LEU B 447 -13.63 6.92 -16.85
CA LEU B 447 -12.52 6.22 -17.48
C LEU B 447 -11.22 6.79 -16.95
N CYS B 448 -10.22 5.92 -16.75
CA CYS B 448 -8.95 6.30 -16.11
C CYS B 448 -7.73 5.86 -16.89
N LYS B 449 -6.66 6.62 -16.74
CA LYS B 449 -5.34 6.25 -17.21
C LYS B 449 -4.39 6.36 -16.03
N LEU B 450 -3.47 5.41 -15.92
CA LEU B 450 -2.55 5.34 -14.80
C LEU B 450 -1.16 5.20 -15.38
N ASN B 451 -0.26 6.11 -15.03
CA ASN B 451 1.15 5.92 -15.29
C ASN B 451 1.72 5.03 -14.18
N VAL B 452 2.11 3.80 -14.50
CA VAL B 452 2.53 2.87 -13.43
C VAL B 452 3.93 3.17 -12.86
N LYS B 453 4.76 3.92 -13.62
CA LYS B 453 6.09 4.34 -13.12
C LYS B 453 5.94 5.52 -12.16
N THR B 454 5.24 6.57 -12.56
CA THR B 454 5.09 7.78 -11.74
C THR B 454 3.87 7.82 -10.83
N LYS B 455 2.88 6.96 -11.06
CA LYS B 455 1.58 6.97 -10.33
C LYS B 455 0.65 8.15 -10.65
N GLU B 456 0.94 8.92 -11.70
CA GLU B 456 0.07 10.00 -12.09
C GLU B 456 -1.20 9.37 -12.71
N THR B 457 -2.33 10.06 -12.59
CA THR B 457 -3.61 9.59 -13.16
C THR B 457 -4.34 10.67 -13.96
N TRP B 458 -5.14 10.23 -14.93
CA TRP B 458 -6.02 11.12 -15.71
C TRP B 458 -7.40 10.55 -15.58
N VAL B 459 -8.42 11.39 -15.62
CA VAL B 459 -9.82 10.92 -15.54
C VAL B 459 -10.65 11.56 -16.62
N TRP B 460 -11.58 10.78 -17.17
CA TRP B 460 -12.62 11.30 -18.02
C TRP B 460 -13.95 10.94 -17.37
N GLN B 461 -14.81 11.95 -17.22
CA GLN B 461 -16.08 11.78 -16.51
C GLN B 461 -17.06 12.90 -16.88
N GLU B 462 -18.31 12.47 -17.15
CA GLU B 462 -19.45 13.36 -17.27
C GLU B 462 -20.61 12.88 -16.36
N PRO B 463 -21.42 13.81 -15.87
CA PRO B 463 -22.56 13.43 -15.02
C PRO B 463 -23.52 12.46 -15.71
N ASP B 464 -24.10 11.52 -14.95
CA ASP B 464 -25.09 10.55 -15.46
C ASP B 464 -24.62 9.77 -16.71
N SER B 465 -23.32 9.45 -16.74
CA SER B 465 -22.71 8.72 -17.85
C SER B 465 -21.96 7.50 -17.33
N TYR B 466 -22.31 6.34 -17.87
CA TYR B 466 -21.90 5.03 -17.36
C TYR B 466 -21.10 4.28 -18.42
N PRO B 467 -19.76 4.47 -18.43
CA PRO B 467 -18.91 3.84 -19.45
C PRO B 467 -18.60 2.35 -19.23
N SER B 468 -17.97 1.79 -20.23
CA SER B 468 -17.53 0.42 -20.21
C SER B 468 -16.02 0.39 -20.25
N GLU B 469 -15.47 -0.82 -20.19
CA GLU B 469 -14.03 -1.04 -20.33
C GLU B 469 -13.49 -0.25 -21.51
N PRO B 470 -12.42 0.52 -21.30
CA PRO B 470 -11.79 1.20 -22.42
C PRO B 470 -10.88 0.27 -23.19
N ILE B 471 -10.96 0.25 -24.51
CA ILE B 471 -10.05 -0.57 -25.31
C ILE B 471 -9.14 0.29 -26.14
N PHE B 472 -7.84 -0.01 -26.05
CA PHE B 472 -6.80 0.77 -26.72
C PHE B 472 -6.61 0.36 -28.19
N VAL B 473 -6.47 1.37 -29.03
CA VAL B 473 -6.15 1.13 -30.45
C VAL B 473 -5.01 2.05 -30.80
N SER B 474 -3.91 1.46 -31.26
CA SER B 474 -2.74 2.20 -31.68
C SER B 474 -2.93 2.91 -33.03
N HIS B 475 -2.34 4.10 -33.09
CA HIS B 475 -2.14 4.83 -34.34
C HIS B 475 -1.17 4.04 -35.23
N PRO B 476 -1.40 3.96 -36.56
CA PRO B 476 -0.50 3.15 -37.42
C PRO B 476 0.98 3.59 -37.45
N ASP B 477 1.22 4.88 -37.31
CA ASP B 477 2.57 5.47 -37.24
C ASP B 477 3.04 5.79 -35.81
N ALA B 478 2.53 5.06 -34.82
CA ALA B 478 2.87 5.34 -33.43
C ALA B 478 4.34 5.09 -33.14
N LEU B 479 4.97 6.05 -32.48
CA LEU B 479 6.32 5.87 -31.96
C LEU B 479 6.31 5.59 -30.48
N GLU B 480 5.20 5.91 -29.82
CA GLU B 480 5.10 5.87 -28.38
C GLU B 480 4.04 4.87 -27.88
N GLU B 481 4.14 4.49 -26.62
CA GLU B 481 3.25 3.48 -26.02
C GLU B 481 1.77 3.93 -26.01
N ASP B 482 1.53 5.21 -25.78
CA ASP B 482 0.19 5.76 -25.70
C ASP B 482 -0.21 6.61 -26.89
N ASP B 483 0.33 6.29 -28.07
CA ASP B 483 0.04 6.99 -29.36
C ASP B 483 -1.15 6.26 -29.99
N GLY B 484 -2.35 6.60 -29.54
CA GLY B 484 -3.54 6.00 -30.11
C GLY B 484 -4.75 6.47 -29.38
N VAL B 485 -5.84 5.74 -29.47
CA VAL B 485 -7.10 6.13 -28.80
C VAL B 485 -7.59 5.03 -27.90
N VAL B 486 -8.49 5.37 -27.00
CA VAL B 486 -9.28 4.33 -26.34
C VAL B 486 -10.78 4.47 -26.72
N LEU B 487 -11.44 3.34 -26.89
CA LEU B 487 -12.84 3.27 -27.25
C LEU B 487 -13.64 2.78 -26.05
N SER B 488 -14.73 3.43 -25.75
CA SER B 488 -15.60 3.00 -24.67
C SER B 488 -17.05 3.18 -25.07
N VAL B 489 -17.89 2.24 -24.66
CA VAL B 489 -19.32 2.33 -24.85
C VAL B 489 -19.92 2.97 -23.61
N VAL B 490 -20.62 4.10 -23.79
CA VAL B 490 -21.17 4.89 -22.68
C VAL B 490 -22.71 4.96 -22.73
N VAL B 491 -23.33 4.64 -21.59
CA VAL B 491 -24.78 4.68 -21.43
C VAL B 491 -25.12 5.97 -20.74
N SER B 492 -25.92 6.81 -21.40
CA SER B 492 -26.20 8.18 -20.98
C SER B 492 -27.69 8.43 -20.91
N PRO B 493 -28.38 7.88 -19.87
CA PRO B 493 -29.82 8.05 -19.79
C PRO B 493 -30.24 9.45 -19.33
N GLY B 494 -31.54 9.69 -19.32
CA GLY B 494 -32.02 11.01 -18.93
C GLY B 494 -31.92 12.01 -20.07
N ALA B 495 -33.08 12.62 -20.38
CA ALA B 495 -33.25 13.42 -21.59
C ALA B 495 -32.34 14.63 -21.62
N GLY B 496 -32.12 15.15 -22.81
CA GLY B 496 -31.02 16.07 -23.11
C GLY B 496 -29.94 15.37 -23.92
N GLN B 497 -29.96 14.04 -23.93
CA GLN B 497 -29.00 13.23 -24.66
C GLN B 497 -29.74 12.06 -25.29
N LYS B 498 -29.07 11.34 -26.20
CA LYS B 498 -29.60 10.06 -26.71
C LYS B 498 -29.23 8.98 -25.71
N PRO B 499 -29.84 7.78 -25.79
CA PRO B 499 -29.62 6.78 -24.74
C PRO B 499 -28.18 6.30 -24.49
N ALA B 500 -27.33 6.30 -25.52
CA ALA B 500 -25.97 5.81 -25.45
C ALA B 500 -25.07 6.35 -26.56
N TYR B 501 -23.77 6.09 -26.44
CA TYR B 501 -22.82 6.51 -27.45
C TYR B 501 -21.50 5.77 -27.37
N LEU B 502 -20.82 5.70 -28.50
CA LEU B 502 -19.45 5.27 -28.50
C LEU B 502 -18.54 6.46 -28.28
N LEU B 503 -17.71 6.39 -27.25
CA LEU B 503 -16.76 7.45 -26.90
C LEU B 503 -15.35 7.13 -27.42
N ILE B 504 -14.71 8.13 -28.03
CA ILE B 504 -13.33 7.99 -28.43
C ILE B 504 -12.54 9.04 -27.67
N LEU B 505 -11.53 8.61 -26.92
CA LEU B 505 -10.62 9.49 -26.21
C LEU B 505 -9.22 9.34 -26.76
N ASN B 506 -8.51 10.45 -26.77
CA ASN B 506 -7.09 10.43 -27.02
C ASN B 506 -6.39 9.75 -25.85
N ALA B 507 -5.56 8.75 -26.16
CA ALA B 507 -4.86 7.96 -25.12
C ALA B 507 -3.81 8.75 -24.35
N LYS B 508 -3.28 9.84 -24.91
CA LYS B 508 -2.27 10.68 -24.24
C LYS B 508 -2.75 11.33 -22.96
N ASP B 509 -3.93 11.93 -23.00
CA ASP B 509 -4.46 12.70 -21.87
C ASP B 509 -5.93 12.43 -21.52
N LEU B 510 -6.55 11.44 -22.19
CA LEU B 510 -7.99 11.18 -22.11
C LEU B 510 -8.93 12.31 -22.52
N SER B 511 -8.47 13.22 -23.37
CA SER B 511 -9.37 14.25 -23.87
C SER B 511 -10.25 13.66 -24.97
N GLU B 512 -11.49 14.11 -25.02
CA GLU B 512 -12.47 13.58 -25.97
C GLU B 512 -12.12 13.94 -27.39
N VAL B 513 -12.11 12.95 -28.28
CA VAL B 513 -11.83 13.13 -29.70
C VAL B 513 -13.15 13.16 -30.50
N ALA B 514 -14.06 12.27 -30.13
CA ALA B 514 -15.35 12.20 -30.77
C ALA B 514 -16.30 11.37 -29.94
N ARG B 515 -17.58 11.48 -30.26
CA ARG B 515 -18.52 10.47 -29.87
C ARG B 515 -19.51 10.22 -30.99
N ALA B 516 -20.10 9.04 -30.95
CA ALA B 516 -21.01 8.54 -31.96
C ALA B 516 -22.27 8.00 -31.29
N GLU B 517 -23.32 8.83 -31.28
CA GLU B 517 -24.55 8.56 -30.52
C GLU B 517 -25.48 7.62 -31.23
N VAL B 518 -26.14 6.74 -30.47
CA VAL B 518 -27.18 5.87 -31.01
C VAL B 518 -28.51 6.08 -30.27
N GLU B 519 -29.62 5.73 -30.93
CA GLU B 519 -30.95 6.10 -30.47
C GLU B 519 -31.64 5.00 -29.65
N ILE B 520 -30.90 3.96 -29.26
CA ILE B 520 -31.44 2.90 -28.40
C ILE B 520 -30.53 2.69 -27.18
N ASN B 521 -31.08 2.13 -26.10
CA ASN B 521 -30.30 1.82 -24.93
C ASN B 521 -29.33 0.67 -25.18
N ILE B 522 -28.20 0.68 -24.47
CA ILE B 522 -27.23 -0.41 -24.48
C ILE B 522 -27.05 -0.82 -23.02
N PRO B 523 -27.10 -2.13 -22.71
CA PRO B 523 -26.84 -2.52 -21.32
C PRO B 523 -25.34 -2.58 -21.04
N VAL B 524 -25.03 -2.97 -19.79
CA VAL B 524 -23.67 -3.21 -19.33
C VAL B 524 -22.99 -4.20 -20.27
N THR B 525 -21.73 -3.92 -20.62
CA THR B 525 -20.84 -4.88 -21.29
C THR B 525 -19.56 -5.05 -20.47
N PHE B 526 -18.95 -6.23 -20.60
CA PHE B 526 -17.79 -6.61 -19.81
C PHE B 526 -16.49 -6.45 -20.58
N HIS B 527 -16.30 -7.28 -21.59
CA HIS B 527 -15.04 -7.32 -22.30
C HIS B 527 -15.23 -7.45 -23.77
N GLY B 528 -14.17 -7.12 -24.50
CA GLY B 528 -14.19 -7.14 -25.96
C GLY B 528 -12.85 -6.96 -26.63
N LEU B 529 -12.89 -6.59 -27.87
CA LEU B 529 -11.70 -6.36 -28.65
C LEU B 529 -11.99 -5.43 -29.82
N PHE B 530 -10.93 -4.86 -30.35
CA PHE B 530 -10.97 -4.20 -31.61
C PHE B 530 -10.41 -5.13 -32.69
N LYS B 531 -11.18 -5.32 -33.75
CA LYS B 531 -10.77 -6.16 -34.86
C LYS B 531 -10.48 -5.25 -36.04
N LYS B 532 -9.21 -5.14 -36.38
CA LYS B 532 -8.78 -4.27 -37.46
C LYS B 532 -9.15 -4.86 -38.81
N SER B 533 -9.38 -3.96 -39.75
CA SER B 533 -9.54 -4.34 -41.15
C SER B 533 -9.08 -3.19 -42.03
FE FE2 C . 12.91 8.34 17.62
C1 PLM D . 15.78 7.61 17.56
O1 PLM D . 16.69 6.99 18.15
O2 PLM D . 14.69 7.87 18.09
C2 PLM D . 15.94 8.05 16.14
C3 PLM D . 16.28 6.82 15.33
C4 PLM D . 15.16 5.81 15.37
C5 PLM D . 15.15 5.00 14.08
C6 PLM D . 14.44 5.76 12.97
C7 PLM D . 14.45 5.00 11.65
C8 PLM D . 15.83 4.68 11.12
C9 PLM D . 16.75 5.90 11.12
CA PLM D . 17.87 5.66 10.12
CB PLM D . 18.56 6.96 9.74
CC PLM D . 19.64 7.30 10.76
CD PLM D . 20.63 8.30 10.16
CE PLM D . 20.01 9.67 9.92
CF PLM D . 19.46 10.32 11.19
CG PLM D . 19.42 11.85 11.13
O A5V E . 19.10 4.78 21.65
C2 A5V E . 18.47 3.53 21.86
C1 A5V E . 18.41 2.93 20.47
C A5V E . 17.53 3.69 19.48
N A5V E . 17.61 5.18 19.47
C3 A5V E . 19.18 2.68 22.91
C15 A5V E . 18.55 1.57 23.47
C7 A5V E . 19.17 0.85 24.50
C6 A5V E . 20.44 1.20 24.93
C5 A5V E . 21.07 2.28 24.34
C4 A5V E . 20.45 3.00 23.34
O1 A5V E . 18.48 -0.13 25.18
C8 A5V E . 17.11 -0.44 24.89
C9 A5V E . 16.63 -1.39 25.97
C14 A5V E . 15.31 -2.05 25.58
C13 A5V E . 14.77 -2.98 26.68
C12 A5V E . 14.61 -2.26 28.00
C11 A5V E . 15.91 -1.58 28.41
C10 A5V E . 16.44 -0.67 27.30
FE FE2 F . -12.96 -10.18 -16.57
C1 PLM G . -15.84 -10.23 -15.89
O1 PLM G . -14.82 -10.52 -16.52
O2 PLM G . -16.79 -11.04 -15.70
C2 PLM G . -15.89 -8.85 -15.37
C3 PLM G . -16.32 -8.88 -13.91
C4 PLM G . -15.17 -9.31 -12.99
C5 PLM G . -15.27 -8.52 -11.69
C6 PLM G . -14.65 -7.14 -11.84
C7 PLM G . -14.70 -6.34 -10.54
C8 PLM G . -16.09 -6.09 -10.00
C9 PLM G . -16.94 -5.49 -11.10
CA PLM G . -18.18 -4.83 -10.55
CB PLM G . -18.74 -3.92 -11.63
CC PLM G . -20.01 -4.48 -12.22
CD PLM G . -20.83 -3.41 -12.92
CE PLM G . -20.01 -2.65 -13.97
CF PLM G . -19.29 -3.54 -14.98
CG PLM G . -19.03 -2.79 -16.30
O A5V H . -19.28 -15.51 -16.10
C2 A5V H . -18.72 -16.26 -15.03
C1 A5V H . -18.85 -15.36 -13.82
C A5V H . -17.85 -14.21 -13.87
N A5V H . -17.77 -13.50 -15.13
C3 A5V H . -19.45 -17.57 -14.81
C15 A5V H . -18.79 -18.66 -14.24
C7 A5V H . -19.45 -19.89 -14.11
C6 A5V H . -20.76 -20.03 -14.52
C5 A5V H . -21.42 -18.93 -15.06
C4 A5V H . -20.77 -17.72 -15.19
O1 A5V H . -18.79 -21.00 -13.62
C8 A5V H . -17.41 -20.97 -13.27
C9 A5V H . -16.97 -22.40 -13.05
C14 A5V H . -15.53 -22.49 -12.57
C13 A5V H . -15.10 -23.94 -12.33
C12 A5V H . -15.28 -24.80 -13.57
C11 A5V H . -16.70 -24.69 -14.11
C10 A5V H . -17.13 -23.24 -14.32
#